data_7MJS
#
_entry.id   7MJS
#
loop_
_entity.id
_entity.type
_entity.pdbx_description
1 polymer '2AG3 Fab heavy chain'
2 polymer '2AG3 Fab light chain'
3 polymer 'Major Facilitator Superfamily Domain containing 2A'
4 non-polymer '[(2~{R})-2-oxidanyl-3-[oxidanyl-[2-(trimethyl-$l^{4}-azanyl)ethoxy]phosphoryl]oxy-propyl] (9~{Z},12~{Z},15~{Z})-octadeca-9,12,15-trienoate'
5 non-polymer 2-acetamido-2-deoxy-beta-D-glucopyranose
#
loop_
_entity_poly.entity_id
_entity_poly.type
_entity_poly.pdbx_seq_one_letter_code
_entity_poly.pdbx_strand_id
1 'polypeptide(L)'
;EISEVQLVESGGGLVQPGGSLRLSCAASGFNIYSSSIHWVRQAPGKGLEWVAYIYSYSGYTSYADSVKGRFTISADTSKN
TAYLQMNSLRAEDTAVYYCARSLEYLYSSGYQYKWATGLDYWGQGTLVTVSSASTKGPSVFPLAPSSKSTSGGTAALGCL
VKDYFPEPVTVSWNSGALTSGVHTFPAVLQSSGLYSLSSVVTVPSSSLGTQTYICNVNHKPSNTKVDKKVEPKSCDKTHT
;
H
2 'polypeptide(L)'
;SDIQMTQSPSSLSASVGDRVTITCRASQSVSSAVAWYQQKPGKAPKLLIYSASSLYSGVPSRFSGSRSGTDFTLTISSLQ
PEDFATYYCQQSSFYNQPFTFGQGTKVEIKRTVAAPSVFIFPPSDSQLKSGTASVVCLLNNFYPREAKVQWKVDNALQSG
NSQESVTEQDSKDSTYSLSSTLTLSKADYEKHKVYACEVTHQGLSSPVTKSFNRGEC
;
L
3 'polypeptide(L)'
;MAGGGGAERVRVGAAAAGLLPPSCRQPRRRESRERLSVCSKLCYAVGGAPYQTTGCALGFFLQIYLLDVAQLDPFYASII
LFVGRAWDAITDPMVGFFISKTPWTRFGRLMPWIIFSTPFAVISYFLIWFVPDISTGQVMWYLIFYCIFQTLVTCFHVPY
SALTMFISREQSERDSATAYRMTVEVLGTVLGTAIQGQIVGKAVTPCIENPPFLSETNFSVAIRNVNMTHYTGSLADTRN
AYMVAAGVIGGLYILCAVILSVGVREKRESSELQSDEPVSFFRGLKLVMNHGAYIKLITGFLFTSLAFMLLEGNFALFCT
YTLGFRNEFQNILLAIMLSATLTIPFWQWFLTRFGKKTAVYVGISSAVPFLITVVVLDSNLVVTYIVAVAAGISVAAAFL
LPWSMLPDVIDDFKLQHPESRGHEAIFFSFYVFFTKFTSGVSLGISTLSLDFAGYQTRGCSQPSEVNITLKLLVSAVPVG
LILLGLLLFKLYPIDEEKRRENKKALQDLREESNSSSESDSTELANIVENLYFQGSHHHHHHHHHH
;
X
#
loop_
_chem_comp.id
_chem_comp.type
_chem_comp.name
_chem_comp.formula
NAG D-saccharide, beta linking 2-acetamido-2-deoxy-beta-D-glucopyranose 'C8 H15 N O6'
ZGS non-polymer '[(2~{R})-2-oxidanyl-3-[oxidanyl-[2-(trimethyl-$l^{4}-azanyl)ethoxy]phosphoryl]oxy-propyl] (9~{Z},12~{Z},15~{Z})-octadeca-9,12,15-trienoate' 'C26 H49 N O7 P 1'
#
# COMPACT_ATOMS: atom_id res chain seq x y z
N GLU A 4 12.20 18.45 -35.12
CA GLU A 4 12.40 19.43 -34.07
C GLU A 4 11.08 20.09 -33.69
N VAL A 5 10.89 20.32 -32.38
CA VAL A 5 9.64 20.86 -31.87
C VAL A 5 9.50 22.31 -32.30
N GLN A 6 8.30 22.69 -32.72
CA GLN A 6 8.02 24.06 -33.15
C GLN A 6 6.56 24.38 -32.91
N LEU A 7 6.30 25.57 -32.38
CA LEU A 7 4.94 26.05 -32.12
C LEU A 7 4.81 27.42 -32.75
N VAL A 8 3.89 27.58 -33.69
CA VAL A 8 3.72 28.84 -34.40
C VAL A 8 2.29 29.34 -34.19
N GLU A 9 2.16 30.56 -33.70
CA GLU A 9 0.85 31.14 -33.43
C GLU A 9 0.31 31.83 -34.67
N SER A 10 -1.01 32.05 -34.66
CA SER A 10 -1.68 32.72 -35.76
C SER A 10 -2.92 33.40 -35.23
N GLY A 11 -3.26 34.53 -35.83
CA GLY A 11 -4.41 35.29 -35.37
C GLY A 11 -4.01 36.39 -34.41
N GLY A 12 -4.21 37.64 -34.81
CA GLY A 12 -3.86 38.77 -33.98
C GLY A 12 -4.56 40.02 -34.44
N GLY A 13 -3.85 41.14 -34.45
CA GLY A 13 -4.42 42.37 -34.94
C GLY A 13 -5.33 43.05 -33.94
N LEU A 14 -6.14 43.97 -34.46
CA LEU A 14 -7.01 44.77 -33.62
C LEU A 14 -8.36 44.07 -33.45
N VAL A 15 -8.92 44.17 -32.25
CA VAL A 15 -10.19 43.55 -31.91
C VAL A 15 -11.12 44.66 -31.43
N GLN A 16 -12.36 44.50 -31.69
CA GLN A 16 -13.17 45.48 -31.01
C GLN A 16 -13.46 45.01 -29.58
N PRO A 17 -13.72 45.92 -28.64
CA PRO A 17 -14.00 45.48 -27.26
C PRO A 17 -15.31 44.72 -27.19
N GLY A 18 -15.21 43.42 -26.90
CA GLY A 18 -16.37 42.56 -26.99
C GLY A 18 -16.50 41.89 -28.34
N GLY A 19 -15.44 41.22 -28.79
CA GLY A 19 -15.40 40.63 -30.11
C GLY A 19 -15.01 39.17 -30.09
N SER A 20 -14.90 38.61 -31.29
CA SER A 20 -14.62 37.19 -31.49
C SER A 20 -13.26 37.05 -32.17
N LEU A 21 -12.31 36.40 -31.49
CA LEU A 21 -10.99 36.16 -32.05
C LEU A 21 -10.55 34.76 -31.68
N ARG A 22 -10.26 33.94 -32.69
CA ARG A 22 -9.74 32.59 -32.49
C ARG A 22 -8.24 32.61 -32.75
N LEU A 23 -7.45 32.43 -31.70
CA LEU A 23 -6.01 32.30 -31.84
C LEU A 23 -5.67 30.84 -32.08
N SER A 24 -4.82 30.59 -33.07
CA SER A 24 -4.42 29.24 -33.45
C SER A 24 -2.97 29.02 -33.05
N CYS A 25 -2.65 27.78 -32.71
CA CYS A 25 -1.28 27.39 -32.33
C CYS A 25 -0.94 26.11 -33.07
N ALA A 26 -0.29 26.24 -34.23
CA ALA A 26 0.08 25.09 -35.04
C ALA A 26 1.33 24.45 -34.49
N ALA A 27 1.35 23.12 -34.45
CA ALA A 27 2.42 22.35 -33.86
C ALA A 27 3.16 21.54 -34.91
N SER A 28 4.48 21.44 -34.76
CA SER A 28 5.32 20.62 -35.61
C SER A 28 6.35 19.92 -34.75
N GLY A 29 6.76 18.73 -35.18
CA GLY A 29 7.70 17.94 -34.42
C GLY A 29 7.12 17.22 -33.22
N PHE A 30 5.81 17.34 -32.99
CA PHE A 30 5.16 16.57 -31.94
C PHE A 30 3.67 16.56 -32.20
N ASN A 31 2.98 15.61 -31.57
CA ASN A 31 1.54 15.45 -31.72
C ASN A 31 0.84 16.18 -30.57
N ILE A 32 -0.15 17.01 -30.92
CA ILE A 32 -0.94 17.66 -29.88
C ILE A 32 -1.81 16.65 -29.15
N TYR A 33 -2.39 15.72 -29.89
CA TYR A 33 -3.33 14.77 -29.29
C TYR A 33 -2.66 13.95 -28.19
N SER A 34 -1.34 13.87 -28.21
CA SER A 34 -0.62 13.12 -27.19
C SER A 34 -0.19 14.02 -26.03
N SER A 35 0.04 15.30 -26.30
CA SER A 35 0.57 16.22 -25.31
C SER A 35 -0.48 17.25 -24.89
N SER A 36 -0.08 18.16 -24.01
CA SER A 36 -0.93 19.22 -23.52
C SER A 36 -0.48 20.56 -24.10
N ILE A 37 -1.28 21.59 -23.86
CA ILE A 37 -0.96 22.94 -24.32
C ILE A 37 -1.44 23.94 -23.28
N HIS A 38 -0.55 24.81 -22.85
CA HIS A 38 -0.93 25.99 -22.09
C HIS A 38 -0.99 27.20 -23.01
N TRP A 39 -1.82 28.16 -22.65
CA TRP A 39 -1.82 29.48 -23.26
C TRP A 39 -1.57 30.50 -22.17
N VAL A 40 -0.62 31.39 -22.41
CA VAL A 40 -0.18 32.37 -21.42
C VAL A 40 -0.04 33.71 -22.11
N ARG A 41 -0.67 34.75 -21.57
CA ARG A 41 -0.56 36.08 -22.14
C ARG A 41 0.39 36.93 -21.30
N GLN A 42 1.01 37.89 -21.97
CA GLN A 42 1.84 38.88 -21.30
C GLN A 42 1.36 40.25 -21.75
N ALA A 43 0.91 41.06 -20.79
CA ALA A 43 0.41 42.38 -21.12
C ALA A 43 1.55 43.26 -21.62
N PRO A 44 1.26 44.33 -22.35
CA PRO A 44 2.35 45.21 -22.82
C PRO A 44 2.96 45.98 -21.66
N GLY A 45 4.16 45.58 -21.27
CA GLY A 45 4.82 46.19 -20.14
C GLY A 45 4.42 45.64 -18.78
N LYS A 46 4.07 44.36 -18.69
CA LYS A 46 3.72 43.73 -17.44
C LYS A 46 4.25 42.29 -17.44
N GLY A 47 4.03 41.60 -16.33
CA GLY A 47 4.51 40.25 -16.18
C GLY A 47 3.65 39.23 -16.89
N LEU A 48 4.17 38.02 -16.98
CA LEU A 48 3.44 36.94 -17.62
C LEU A 48 2.19 36.60 -16.81
N GLU A 49 1.14 36.19 -17.52
CA GLU A 49 -0.14 35.84 -16.90
C GLU A 49 -0.67 34.59 -17.54
N TRP A 50 -0.78 33.52 -16.77
CA TRP A 50 -1.31 32.27 -17.29
C TRP A 50 -2.79 32.42 -17.64
N VAL A 51 -3.18 31.92 -18.81
CA VAL A 51 -4.52 32.11 -19.34
C VAL A 51 -5.33 30.81 -19.29
N ALA A 52 -4.85 29.77 -19.94
CA ALA A 52 -5.65 28.56 -20.06
C ALA A 52 -4.73 27.35 -20.21
N TYR A 53 -5.32 26.17 -20.14
CA TYR A 53 -4.58 24.92 -20.24
C TYR A 53 -5.52 23.84 -20.74
N ILE A 54 -4.98 22.90 -21.53
CA ILE A 54 -5.78 21.77 -22.01
C ILE A 54 -4.89 20.54 -22.09
N TYR A 55 -5.46 19.41 -21.67
CA TYR A 55 -4.89 18.09 -21.91
C TYR A 55 -5.66 17.47 -23.08
N SER A 56 -5.03 17.39 -24.24
CA SER A 56 -5.73 17.12 -25.48
C SER A 56 -6.31 15.72 -25.57
N TYR A 57 -5.79 14.76 -24.81
CA TYR A 57 -6.28 13.40 -24.91
C TYR A 57 -7.64 13.24 -24.24
N SER A 58 -7.77 13.71 -22.99
CA SER A 58 -9.01 13.56 -22.26
C SER A 58 -9.89 14.75 -22.59
N GLY A 59 -9.36 15.96 -22.65
CA GLY A 59 -10.18 17.13 -22.94
C GLY A 59 -10.27 18.04 -21.74
N TYR A 60 -9.49 17.73 -20.71
CA TYR A 60 -9.50 18.49 -19.46
C TYR A 60 -8.95 19.89 -19.71
N THR A 61 -9.79 20.91 -19.54
CA THR A 61 -9.39 22.30 -19.69
C THR A 61 -9.46 23.02 -18.36
N SER A 62 -8.49 23.89 -18.13
CA SER A 62 -8.52 24.82 -17.01
C SER A 62 -8.38 26.24 -17.54
N TYR A 63 -8.94 27.19 -16.80
CA TYR A 63 -8.84 28.58 -17.20
C TYR A 63 -8.42 29.41 -16.00
N ALA A 64 -7.88 30.60 -16.29
CA ALA A 64 -7.58 31.56 -15.24
C ALA A 64 -8.87 32.17 -14.71
N ASP A 65 -8.80 32.65 -13.47
CA ASP A 65 -9.98 33.22 -12.84
C ASP A 65 -10.51 34.44 -13.59
N SER A 66 -9.65 35.12 -14.35
CA SER A 66 -10.09 36.31 -15.08
C SER A 66 -10.71 35.95 -16.42
N VAL A 67 -10.46 34.74 -16.91
CA VAL A 67 -10.86 34.37 -18.26
C VAL A 67 -11.94 33.30 -18.25
N LYS A 68 -12.31 32.79 -17.09
CA LYS A 68 -13.34 31.76 -17.01
C LYS A 68 -14.66 32.32 -17.51
N GLY A 69 -15.28 31.61 -18.45
CA GLY A 69 -16.54 32.06 -19.01
C GLY A 69 -16.42 33.01 -20.17
N ARG A 70 -15.20 33.42 -20.52
CA ARG A 70 -15.00 34.28 -21.68
C ARG A 70 -14.17 33.57 -22.74
N PHE A 71 -13.09 32.92 -22.32
CA PHE A 71 -12.21 32.20 -23.21
C PHE A 71 -12.51 30.71 -23.16
N THR A 72 -12.37 30.06 -24.31
CA THR A 72 -12.53 28.61 -24.37
C THR A 72 -11.38 28.01 -25.17
N ILE A 73 -10.63 27.14 -24.53
CA ILE A 73 -9.49 26.49 -25.16
C ILE A 73 -9.96 25.15 -25.73
N SER A 74 -9.36 24.73 -26.83
CA SER A 74 -9.69 23.47 -27.46
C SER A 74 -8.48 22.97 -28.23
N ALA A 75 -8.60 21.76 -28.77
CA ALA A 75 -7.53 21.16 -29.56
C ALA A 75 -8.15 20.45 -30.75
N ASP A 76 -7.48 20.51 -31.90
CA ASP A 76 -7.92 19.81 -33.09
C ASP A 76 -6.80 18.89 -33.55
N THR A 77 -7.08 17.59 -33.55
CA THR A 77 -6.08 16.60 -33.95
C THR A 77 -6.01 16.44 -35.47
N SER A 78 -7.12 16.72 -36.17
CA SER A 78 -7.13 16.62 -37.62
C SER A 78 -6.14 17.61 -38.24
N LYS A 79 -5.72 18.61 -37.49
CA LYS A 79 -4.71 19.56 -37.94
C LYS A 79 -3.52 19.64 -36.99
N ASN A 80 -3.58 18.98 -35.83
CA ASN A 80 -2.57 19.11 -34.79
C ASN A 80 -2.36 20.57 -34.43
N THR A 81 -3.43 21.22 -33.95
CA THR A 81 -3.40 22.64 -33.64
C THR A 81 -4.20 22.90 -32.38
N ALA A 82 -3.62 23.66 -31.46
CA ALA A 82 -4.42 24.14 -30.34
C ALA A 82 -5.17 25.40 -30.73
N TYR A 83 -6.29 25.65 -30.05
CA TYR A 83 -7.14 26.77 -30.36
C TYR A 83 -7.53 27.47 -29.08
N LEU A 84 -7.62 28.79 -29.15
CA LEU A 84 -8.12 29.59 -28.02
C LEU A 84 -9.14 30.55 -28.60
N GLN A 85 -10.41 30.34 -28.30
CA GLN A 85 -11.47 31.23 -28.74
C GLN A 85 -11.71 32.27 -27.67
N MET A 86 -11.78 33.53 -28.09
CA MET A 86 -11.87 34.69 -27.21
C MET A 86 -13.13 35.46 -27.60
N ASN A 87 -14.13 35.42 -26.73
CA ASN A 87 -15.39 36.10 -26.91
C ASN A 87 -15.65 36.99 -25.70
N SER A 88 -16.39 38.08 -25.93
CA SER A 88 -16.69 39.08 -24.90
C SER A 88 -15.40 39.64 -24.30
N LEU A 89 -14.64 40.29 -25.18
CA LEU A 89 -13.31 40.78 -24.84
C LEU A 89 -13.39 42.20 -24.28
N ARG A 90 -12.76 42.39 -23.13
CA ARG A 90 -12.65 43.70 -22.49
C ARG A 90 -11.39 44.38 -23.00
N ALA A 91 -11.35 45.71 -22.87
CA ALA A 91 -10.21 46.47 -23.37
C ALA A 91 -9.06 46.46 -22.36
N GLU A 92 -8.76 45.25 -21.87
CA GLU A 92 -7.56 45.05 -21.07
C GLU A 92 -6.92 43.70 -21.36
N ASP A 93 -7.47 42.91 -22.28
CA ASP A 93 -6.88 41.65 -22.69
C ASP A 93 -5.89 41.80 -23.82
N THR A 94 -5.64 43.03 -24.27
CA THR A 94 -4.61 43.24 -25.28
C THR A 94 -3.25 42.84 -24.74
N ALA A 95 -2.56 41.96 -25.46
CA ALA A 95 -1.34 41.36 -24.95
C ALA A 95 -0.60 40.61 -26.04
N VAL A 96 0.44 39.88 -25.65
CA VAL A 96 1.11 38.93 -26.53
C VAL A 96 0.86 37.54 -25.96
N TYR A 97 0.25 36.68 -26.76
CA TYR A 97 -0.17 35.35 -26.31
C TYR A 97 0.81 34.30 -26.82
N TYR A 98 1.35 33.50 -25.90
CA TYR A 98 2.20 32.38 -26.22
C TYR A 98 1.47 31.08 -25.92
N CYS A 99 1.51 30.15 -26.86
CA CYS A 99 1.13 28.78 -26.57
C CYS A 99 2.39 28.01 -26.25
N ALA A 100 2.26 27.01 -25.37
CA ALA A 100 3.45 26.33 -24.90
C ALA A 100 3.12 24.88 -24.58
N ARG A 101 3.91 23.96 -25.11
CA ARG A 101 3.77 22.57 -24.73
C ARG A 101 4.07 22.42 -23.24
N SER A 102 3.34 21.55 -22.57
CA SER A 102 3.57 21.32 -21.15
C SER A 102 4.55 20.18 -20.96
N LEU A 103 5.06 20.08 -19.73
CA LEU A 103 5.92 18.98 -19.32
C LEU A 103 5.35 18.45 -18.01
N GLU A 104 4.40 17.53 -18.10
CA GLU A 104 3.80 16.97 -16.90
C GLU A 104 4.82 16.12 -16.16
N TYR A 105 5.03 16.42 -14.88
CA TYR A 105 5.96 15.68 -14.05
C TYR A 105 5.30 15.39 -12.72
N LEU A 106 6.00 14.66 -11.87
CA LEU A 106 5.49 14.25 -10.57
C LEU A 106 6.44 14.73 -9.49
N TYR A 107 5.93 15.52 -8.55
CA TYR A 107 6.72 15.95 -7.41
C TYR A 107 6.26 15.19 -6.18
N SER A 108 7.23 14.89 -5.31
CA SER A 108 6.96 14.07 -4.14
C SER A 108 6.48 14.94 -2.99
N SER A 109 5.31 14.62 -2.45
CA SER A 109 4.79 15.24 -1.25
C SER A 109 4.69 14.15 -0.19
N GLY A 110 5.79 13.91 0.52
CA GLY A 110 5.84 12.80 1.45
C GLY A 110 6.02 11.49 0.73
N TYR A 111 4.97 10.65 0.74
CA TYR A 111 4.96 9.42 -0.03
C TYR A 111 4.16 9.54 -1.31
N GLN A 112 3.32 10.56 -1.42
CA GLN A 112 2.48 10.75 -2.59
C GLN A 112 3.25 11.47 -3.68
N TYR A 113 2.93 11.14 -4.93
CA TYR A 113 3.55 11.74 -6.10
C TYR A 113 2.46 12.52 -6.83
N LYS A 114 2.36 13.81 -6.56
CA LYS A 114 1.33 14.64 -7.14
C LYS A 114 1.75 15.15 -8.51
N TRP A 115 0.75 15.53 -9.30
CA TRP A 115 0.99 15.95 -10.68
C TRP A 115 1.23 17.45 -10.77
N ALA A 116 2.14 17.82 -11.66
CA ALA A 116 2.43 19.21 -11.93
C ALA A 116 2.67 19.37 -13.42
N THR A 117 2.87 20.61 -13.86
CA THR A 117 3.05 20.87 -15.28
C THR A 117 3.95 22.07 -15.49
N GLY A 118 4.95 21.91 -16.35
CA GLY A 118 5.84 23.00 -16.71
C GLY A 118 5.83 23.26 -18.19
N LEU A 119 5.79 24.53 -18.59
CA LEU A 119 5.72 24.91 -19.99
C LEU A 119 7.11 24.82 -20.58
N ASP A 120 7.46 23.67 -21.16
CA ASP A 120 8.84 23.41 -21.54
C ASP A 120 9.24 24.12 -22.83
N TYR A 121 8.44 24.01 -23.89
CA TYR A 121 8.74 24.67 -25.15
C TYR A 121 7.64 25.69 -25.44
N TRP A 122 8.03 26.95 -25.61
CA TRP A 122 7.12 28.05 -25.78
C TRP A 122 6.98 28.43 -27.25
N GLY A 123 5.77 28.77 -27.65
CA GLY A 123 5.53 29.32 -28.97
C GLY A 123 6.11 30.71 -29.07
N GLN A 124 5.97 31.35 -30.23
CA GLN A 124 6.58 32.66 -30.42
C GLN A 124 5.68 33.81 -30.00
N GLY A 125 4.39 33.55 -29.78
CA GLY A 125 3.50 34.58 -29.28
C GLY A 125 3.03 35.53 -30.36
N THR A 126 1.75 35.88 -30.32
CA THR A 126 1.17 36.81 -31.28
C THR A 126 0.46 37.94 -30.54
N LEU A 127 0.45 39.11 -31.14
CA LEU A 127 0.02 40.34 -30.47
C LEU A 127 -1.41 40.67 -30.84
N VAL A 128 -2.27 40.82 -29.84
CA VAL A 128 -3.66 41.20 -30.04
C VAL A 128 -3.92 42.50 -29.30
N THR A 129 -4.63 43.42 -29.96
CA THR A 129 -4.91 44.73 -29.39
C THR A 129 -6.42 44.92 -29.31
N VAL A 130 -6.98 44.78 -28.12
CA VAL A 130 -8.40 44.98 -27.89
C VAL A 130 -8.61 46.46 -27.59
N SER A 131 -9.06 47.21 -28.58
CA SER A 131 -9.23 48.65 -28.38
C SER A 131 -10.14 49.21 -29.45
N SER A 132 -10.82 50.30 -29.10
CA SER A 132 -11.68 50.98 -30.06
C SER A 132 -10.90 51.67 -31.16
N ALA A 133 -9.71 52.18 -30.85
CA ALA A 133 -8.84 52.80 -31.85
C ALA A 133 -7.41 52.82 -31.33
N SER A 134 -6.48 52.24 -32.08
CA SER A 134 -5.09 52.15 -31.65
C SER A 134 -4.19 52.20 -32.87
N THR A 135 -2.92 52.53 -32.61
CA THR A 135 -1.92 52.69 -33.66
C THR A 135 -2.39 53.71 -34.69
N ASP B 2 -7.20 30.74 -5.71
CA ASP B 2 -5.93 31.15 -6.28
C ASP B 2 -4.85 31.30 -5.22
N ILE B 3 -3.63 30.91 -5.57
CA ILE B 3 -2.48 31.04 -4.67
C ILE B 3 -1.68 32.26 -5.11
N GLN B 4 -1.32 33.10 -4.15
CA GLN B 4 -0.60 34.35 -4.44
C GLN B 4 0.89 34.07 -4.38
N MET B 5 1.50 33.84 -5.54
CA MET B 5 2.94 33.72 -5.65
C MET B 5 3.55 35.11 -5.69
N THR B 6 4.49 35.38 -4.79
CA THR B 6 5.11 36.68 -4.67
C THR B 6 6.62 36.56 -4.72
N GLN B 7 7.23 37.18 -5.73
CA GLN B 7 8.68 37.26 -5.81
C GLN B 7 9.15 38.47 -5.02
N SER B 8 9.91 38.23 -3.95
CA SER B 8 10.18 39.26 -2.96
C SER B 8 11.10 40.36 -3.50
N PRO B 9 12.14 40.05 -4.27
CA PRO B 9 12.83 41.10 -5.02
C PRO B 9 12.22 41.28 -6.40
N SER B 10 12.00 42.55 -6.75
CA SER B 10 11.38 42.90 -8.02
C SER B 10 12.33 43.59 -8.99
N SER B 11 13.56 43.89 -8.58
CA SER B 11 14.57 44.45 -9.46
C SER B 11 15.92 44.21 -8.82
N LEU B 12 16.74 43.38 -9.45
CA LEU B 12 18.03 42.99 -8.91
C LEU B 12 19.14 43.57 -9.76
N SER B 13 20.22 43.99 -9.11
CA SER B 13 21.40 44.52 -9.79
C SER B 13 22.61 43.68 -9.42
N ALA B 14 23.31 43.18 -10.43
CA ALA B 14 24.47 42.34 -10.21
C ALA B 14 25.30 42.23 -11.49
N SER B 15 26.61 42.45 -11.38
CA SER B 15 27.50 42.39 -12.53
C SER B 15 27.97 40.97 -12.74
N VAL B 16 28.73 40.75 -13.81
CA VAL B 16 29.17 39.41 -14.21
C VAL B 16 29.96 38.78 -13.08
N GLY B 17 29.60 37.55 -12.72
CA GLY B 17 30.32 36.79 -11.71
C GLY B 17 29.64 36.73 -10.37
N ASP B 18 28.65 37.57 -10.09
CA ASP B 18 28.08 37.65 -8.75
C ASP B 18 27.07 36.52 -8.54
N ARG B 19 26.94 36.13 -7.27
CA ARG B 19 26.00 35.11 -6.85
C ARG B 19 24.62 35.73 -6.77
N VAL B 20 23.73 35.34 -7.68
CA VAL B 20 22.39 35.92 -7.74
C VAL B 20 21.41 34.97 -7.09
N THR B 21 20.46 35.53 -6.34
CA THR B 21 19.45 34.75 -5.64
C THR B 21 18.11 35.44 -5.79
N ILE B 22 17.08 34.68 -6.17
CA ILE B 22 15.74 35.20 -6.38
C ILE B 22 14.76 34.26 -5.69
N THR B 23 13.98 34.79 -4.76
CA THR B 23 13.03 33.99 -4.00
C THR B 23 11.61 34.21 -4.52
N CYS B 24 10.73 33.26 -4.18
CA CYS B 24 9.34 33.31 -4.65
C CYS B 24 8.50 32.63 -3.57
N ARG B 25 7.91 33.45 -2.69
CA ARG B 25 7.12 32.91 -1.59
C ARG B 25 5.75 32.47 -2.07
N ALA B 26 5.41 31.22 -1.82
CA ALA B 26 4.07 30.72 -2.06
C ALA B 26 3.23 30.89 -0.81
N SER B 27 2.05 31.50 -0.95
CA SER B 27 1.19 31.72 0.21
C SER B 27 0.75 30.40 0.83
N GLN B 28 0.36 29.43 0.01
CA GLN B 28 -0.06 28.14 0.53
C GLN B 28 1.14 27.36 1.03
N SER B 29 0.96 26.64 2.13
CA SER B 29 2.10 26.08 2.85
C SER B 29 2.79 24.96 2.07
N VAL B 30 2.04 23.99 1.57
CA VAL B 30 2.67 22.79 1.03
C VAL B 30 1.86 22.26 -0.15
N SER B 31 2.36 21.20 -0.79
CA SER B 31 1.71 20.50 -1.89
C SER B 31 1.68 21.37 -3.15
N SER B 32 2.74 22.14 -3.38
CA SER B 32 2.87 22.98 -4.55
C SER B 32 4.24 22.79 -5.17
N ALA B 33 4.33 22.90 -6.49
CA ALA B 33 5.61 22.91 -7.17
C ALA B 33 5.78 24.28 -7.81
N VAL B 34 7.03 24.65 -8.06
CA VAL B 34 7.31 25.90 -8.73
C VAL B 34 8.07 25.61 -10.01
N ALA B 35 7.86 26.45 -11.00
CA ALA B 35 8.57 26.36 -12.27
C ALA B 35 9.17 27.72 -12.58
N TRP B 36 10.49 27.76 -12.69
CA TRP B 36 11.23 28.99 -12.95
C TRP B 36 11.55 29.10 -14.42
N TYR B 37 11.11 30.21 -15.02
CA TYR B 37 11.34 30.54 -16.41
C TYR B 37 12.16 31.81 -16.50
N GLN B 38 12.74 32.06 -17.67
CA GLN B 38 13.54 33.24 -17.92
C GLN B 38 13.15 33.83 -19.26
N GLN B 39 12.86 35.12 -19.28
CA GLN B 39 12.41 35.80 -20.49
C GLN B 39 13.35 36.96 -20.80
N LYS B 40 13.88 36.98 -22.02
CA LYS B 40 14.64 38.08 -22.53
C LYS B 40 13.71 39.17 -23.09
N PRO B 41 14.21 40.39 -23.27
CA PRO B 41 13.38 41.43 -23.87
C PRO B 41 12.95 41.09 -25.29
N GLY B 42 11.65 40.89 -25.49
CA GLY B 42 11.12 40.62 -26.81
C GLY B 42 11.35 39.22 -27.31
N LYS B 43 11.51 38.26 -26.40
CA LYS B 43 11.66 36.87 -26.77
C LYS B 43 10.80 36.02 -25.85
N ALA B 44 10.50 34.81 -26.30
CA ALA B 44 9.68 33.91 -25.51
C ALA B 44 10.45 33.43 -24.29
N PRO B 45 9.75 33.11 -23.21
CA PRO B 45 10.43 32.56 -22.03
C PRO B 45 11.08 31.22 -22.28
N LYS B 46 11.82 30.71 -21.29
CA LYS B 46 12.49 29.43 -21.40
C LYS B 46 12.40 28.73 -20.05
N LEU B 47 11.83 27.53 -20.03
CA LEU B 47 11.74 26.79 -18.78
C LEU B 47 13.13 26.47 -18.26
N LEU B 48 13.48 27.08 -17.14
CA LEU B 48 14.77 26.81 -16.53
C LEU B 48 14.70 25.63 -15.59
N ILE B 49 13.85 25.71 -14.58
CA ILE B 49 13.89 24.74 -13.48
C ILE B 49 12.48 24.39 -13.05
N TYR B 50 12.07 23.14 -13.26
CA TYR B 50 10.77 22.69 -12.79
C TYR B 50 10.94 21.87 -11.52
N SER B 51 9.81 21.63 -10.85
CA SER B 51 9.77 20.87 -9.61
C SER B 51 10.65 21.49 -8.53
N ALA B 52 11.01 22.76 -8.73
CA ALA B 52 11.74 23.59 -7.78
C ALA B 52 13.21 23.20 -7.64
N SER B 53 13.64 22.09 -8.25
CA SER B 53 15.06 21.77 -8.19
C SER B 53 15.57 21.06 -9.44
N SER B 54 14.72 20.85 -10.44
CA SER B 54 15.05 19.99 -11.58
C SER B 54 15.37 20.85 -12.79
N LEU B 55 16.65 20.91 -13.15
CA LEU B 55 17.05 21.63 -14.35
C LEU B 55 16.44 21.00 -15.59
N TYR B 56 15.97 21.84 -16.50
CA TYR B 56 15.45 21.37 -17.77
C TYR B 56 16.59 20.95 -18.67
N SER B 57 16.31 20.00 -19.57
CA SER B 57 17.33 19.48 -20.46
C SER B 57 17.78 20.55 -21.43
N GLY B 58 19.07 20.88 -21.40
CA GLY B 58 19.62 21.91 -22.25
C GLY B 58 19.83 23.24 -21.59
N VAL B 59 19.79 23.30 -20.27
CA VAL B 59 19.96 24.53 -19.50
C VAL B 59 21.30 24.46 -18.78
N PRO B 60 22.13 25.50 -18.84
CA PRO B 60 23.44 25.44 -18.18
C PRO B 60 23.33 25.16 -16.70
N SER B 61 24.39 24.63 -16.10
CA SER B 61 24.35 24.24 -14.70
C SER B 61 24.52 25.42 -13.75
N ARG B 62 24.60 26.64 -14.27
CA ARG B 62 24.69 27.81 -13.40
C ARG B 62 23.49 27.90 -12.47
N PHE B 63 22.32 27.53 -12.96
CA PHE B 63 21.07 27.70 -12.22
C PHE B 63 20.86 26.56 -11.25
N SER B 64 20.29 26.88 -10.09
CA SER B 64 20.01 25.87 -9.08
C SER B 64 18.82 26.30 -8.26
N GLY B 65 17.83 25.42 -8.15
CA GLY B 65 16.64 25.70 -7.39
C GLY B 65 16.64 25.00 -6.05
N SER B 66 15.82 25.50 -5.14
CA SER B 66 15.71 24.88 -3.82
C SER B 66 14.36 25.24 -3.20
N ARG B 67 13.76 24.25 -2.55
CA ARG B 67 12.51 24.43 -1.83
C ARG B 67 12.84 24.52 -0.34
N SER B 68 12.91 25.74 0.17
CA SER B 68 13.19 25.99 1.57
C SER B 68 11.88 26.35 2.26
N GLY B 69 11.13 25.32 2.67
CA GLY B 69 9.90 25.50 3.41
C GLY B 69 8.93 26.49 2.81
N THR B 70 8.36 26.20 1.64
CA THR B 70 7.42 27.00 0.87
C THR B 70 8.07 28.27 0.33
N ASP B 71 9.36 28.46 0.64
CA ASP B 71 10.11 29.59 0.10
C ASP B 71 11.01 29.09 -1.03
N PHE B 72 10.42 28.98 -2.23
CA PHE B 72 11.17 28.51 -3.38
C PHE B 72 12.23 29.53 -3.77
N THR B 73 13.37 29.05 -4.25
CA THR B 73 14.49 29.92 -4.55
C THR B 73 15.22 29.45 -5.79
N LEU B 74 15.71 30.41 -6.57
CA LEU B 74 16.50 30.19 -7.76
C LEU B 74 17.80 30.96 -7.63
N THR B 75 18.93 30.29 -7.81
CA THR B 75 20.23 30.96 -7.69
C THR B 75 21.06 30.72 -8.93
N ILE B 76 21.78 31.76 -9.34
CA ILE B 76 22.73 31.71 -10.43
C ILE B 76 24.12 31.88 -9.83
N SER B 77 25.00 30.91 -10.09
CA SER B 77 26.31 30.90 -9.44
C SER B 77 27.25 31.91 -10.08
N SER B 78 27.40 31.86 -11.40
CA SER B 78 28.23 32.82 -12.11
C SER B 78 27.37 33.48 -13.18
N LEU B 79 26.96 34.71 -12.93
CA LEU B 79 26.08 35.43 -13.84
C LEU B 79 26.88 35.75 -15.09
N GLN B 80 26.69 34.94 -16.12
CA GLN B 80 27.28 35.20 -17.42
C GLN B 80 26.58 36.38 -18.06
N PRO B 81 27.29 37.17 -18.87
CA PRO B 81 26.67 38.38 -19.43
C PRO B 81 25.67 38.04 -20.54
N GLU B 82 24.85 37.03 -20.25
CA GLU B 82 23.74 36.64 -21.12
C GLU B 82 22.56 36.25 -20.24
N ASP B 83 22.70 36.42 -18.93
CA ASP B 83 21.65 36.10 -17.97
C ASP B 83 20.91 37.34 -17.48
N PHE B 84 21.04 38.46 -18.18
CA PHE B 84 20.36 39.69 -17.78
C PHE B 84 18.96 39.65 -18.39
N ALA B 85 18.05 38.96 -17.72
CA ALA B 85 16.69 38.78 -18.21
C ALA B 85 15.75 38.92 -17.02
N THR B 86 14.48 38.58 -17.26
CA THR B 86 13.45 38.63 -16.24
C THR B 86 13.04 37.22 -15.88
N TYR B 87 13.16 36.86 -14.60
CA TYR B 87 12.92 35.51 -14.15
C TYR B 87 11.57 35.43 -13.45
N TYR B 88 10.74 34.47 -13.87
CA TYR B 88 9.40 34.31 -13.34
C TYR B 88 9.26 32.95 -12.66
N CYS B 89 8.46 32.93 -11.60
CA CYS B 89 8.10 31.69 -10.92
C CYS B 89 6.62 31.43 -11.14
N GLN B 90 6.29 30.19 -11.47
CA GLN B 90 4.92 29.79 -11.76
C GLN B 90 4.52 28.67 -10.82
N GLN B 91 3.27 28.73 -10.36
CA GLN B 91 2.72 27.69 -9.49
C GLN B 91 2.41 26.47 -10.34
N SER B 92 3.41 25.60 -10.49
CA SER B 92 3.23 24.34 -11.21
C SER B 92 2.80 23.30 -10.20
N SER B 93 1.50 23.02 -10.18
CA SER B 93 0.92 21.91 -9.44
C SER B 93 -0.55 21.80 -9.83
N PHE B 94 -1.03 20.59 -10.09
CA PHE B 94 -2.43 20.43 -10.45
C PHE B 94 -3.35 20.51 -9.24
N TYR B 95 -2.81 20.30 -8.04
CA TYR B 95 -3.60 20.42 -6.81
C TYR B 95 -3.98 21.87 -6.52
N ASN B 96 -3.11 22.81 -6.85
CA ASN B 96 -3.39 24.25 -6.77
C ASN B 96 -3.56 24.75 -8.21
N GLN B 97 -4.80 24.71 -8.69
CA GLN B 97 -5.03 24.66 -10.13
C GLN B 97 -4.53 25.87 -10.91
N PRO B 98 -4.86 27.12 -10.56
CA PRO B 98 -4.42 28.24 -11.40
C PRO B 98 -2.90 28.39 -11.34
N PHE B 99 -2.22 28.07 -12.44
CA PHE B 99 -0.77 28.15 -12.49
C PHE B 99 -0.35 29.60 -12.72
N THR B 100 -0.72 30.44 -11.76
CA THR B 100 -0.43 31.86 -11.84
C THR B 100 1.07 32.11 -11.67
N PHE B 101 1.59 33.05 -12.45
CA PHE B 101 3.00 33.40 -12.41
C PHE B 101 3.27 34.38 -11.27
N GLY B 102 4.56 34.60 -11.01
CA GLY B 102 4.99 35.59 -10.07
C GLY B 102 5.05 36.96 -10.70
N GLN B 103 5.62 37.91 -9.97
CA GLN B 103 5.74 39.27 -10.46
C GLN B 103 6.86 39.45 -11.47
N GLY B 104 7.96 38.73 -11.32
CA GLY B 104 9.14 38.94 -12.13
C GLY B 104 10.28 39.55 -11.32
N THR B 105 11.50 39.40 -11.84
CA THR B 105 12.69 39.93 -11.16
C THR B 105 13.67 40.37 -12.25
N LYS B 106 13.63 41.64 -12.59
CA LYS B 106 14.47 42.18 -13.66
C LYS B 106 15.91 42.25 -13.17
N VAL B 107 16.78 41.47 -13.79
CA VAL B 107 18.20 41.49 -13.46
C VAL B 107 18.92 42.45 -14.41
N GLU B 108 19.61 43.43 -13.84
CA GLU B 108 20.29 44.46 -14.61
C GLU B 108 21.71 44.59 -14.10
N ILE B 109 22.62 45.00 -15.00
CA ILE B 109 24.02 45.13 -14.61
C ILE B 109 24.18 46.15 -13.49
N LYS B 110 25.21 45.97 -12.68
CA LYS B 110 25.47 46.83 -11.54
C LYS B 110 26.70 47.68 -11.80
N ARG B 111 26.60 48.98 -11.55
CA ARG B 111 27.72 49.89 -11.69
C ARG B 111 27.51 51.11 -10.82
N THR B 112 28.54 51.94 -10.73
CA THR B 112 28.47 53.16 -9.95
C THR B 112 27.52 54.15 -10.62
N VAL B 113 26.56 54.66 -9.84
CA VAL B 113 25.58 55.58 -10.38
C VAL B 113 26.27 56.82 -10.94
N ALA B 114 25.76 57.31 -12.06
CA ALA B 114 26.29 58.52 -12.68
C ALA B 114 25.39 59.71 -12.38
N LEU C 36 12.55 -32.98 28.45
CA LEU C 36 13.01 -33.19 29.82
C LEU C 36 13.02 -31.87 30.57
N SER C 37 14.08 -31.63 31.34
CA SER C 37 14.18 -30.42 32.13
C SER C 37 14.33 -29.19 31.23
N VAL C 38 14.39 -28.02 31.87
CA VAL C 38 14.45 -26.75 31.17
C VAL C 38 15.69 -26.64 30.28
N CYS C 39 16.66 -27.54 30.45
CA CYS C 39 17.81 -27.57 29.55
C CYS C 39 17.40 -27.74 28.10
N SER C 40 16.21 -28.27 27.84
CA SER C 40 15.68 -28.40 26.50
C SER C 40 14.30 -27.78 26.32
N LYS C 41 13.48 -27.73 27.38
CA LYS C 41 12.13 -27.18 27.24
C LYS C 41 12.17 -25.72 26.79
N LEU C 42 13.29 -25.03 27.01
CA LEU C 42 13.47 -23.70 26.45
C LEU C 42 13.91 -23.77 24.99
N CYS C 43 14.77 -24.73 24.66
CA CYS C 43 15.21 -24.87 23.28
C CYS C 43 14.08 -25.34 22.38
N TYR C 44 13.24 -26.25 22.87
CA TYR C 44 12.08 -26.68 22.11
C TYR C 44 11.07 -25.57 21.92
N ALA C 45 11.10 -24.54 22.77
CA ALA C 45 10.11 -23.48 22.71
C ALA C 45 10.31 -22.60 21.48
N VAL C 46 11.56 -22.18 21.24
CA VAL C 46 11.85 -21.25 20.15
C VAL C 46 11.49 -21.83 18.79
N GLY C 47 11.39 -23.16 18.68
CA GLY C 47 11.02 -23.76 17.42
C GLY C 47 9.67 -23.34 16.91
N GLY C 48 8.78 -22.91 17.79
CA GLY C 48 7.49 -22.41 17.35
C GLY C 48 7.53 -21.05 16.70
N ALA C 49 8.66 -20.34 16.82
CA ALA C 49 8.74 -19.00 16.24
C ALA C 49 8.80 -19.02 14.72
N PRO C 50 9.64 -19.83 14.07
CA PRO C 50 9.71 -19.77 12.60
C PRO C 50 8.36 -19.89 11.89
N TYR C 51 7.49 -20.79 12.37
CA TYR C 51 6.22 -21.00 11.67
C TYR C 51 5.30 -19.81 11.83
N GLN C 52 5.39 -19.11 12.97
CA GLN C 52 4.41 -18.07 13.26
C GLN C 52 4.83 -16.73 12.65
N THR C 53 6.10 -16.36 12.78
CA THR C 53 6.55 -15.10 12.18
C THR C 53 6.36 -15.12 10.67
N THR C 54 6.96 -16.11 10.00
CA THR C 54 6.75 -16.28 8.56
C THR C 54 5.27 -16.35 8.24
N GLY C 55 4.50 -17.04 9.08
CA GLY C 55 3.07 -17.15 8.82
C GLY C 55 2.32 -15.87 9.09
N CYS C 56 2.84 -15.02 9.96
CA CYS C 56 2.18 -13.76 10.26
C CYS C 56 2.48 -12.71 9.19
N ALA C 57 3.77 -12.43 8.99
CA ALA C 57 4.19 -11.43 8.01
C ALA C 57 3.58 -11.71 6.64
N LEU C 58 3.45 -12.99 6.29
CA LEU C 58 2.70 -13.35 5.08
C LEU C 58 1.25 -12.92 5.21
N GLY C 59 0.53 -13.51 6.16
CA GLY C 59 -0.91 -13.36 6.22
C GLY C 59 -1.38 -11.91 6.18
N PHE C 60 -0.67 -11.03 6.87
CA PHE C 60 -1.04 -9.62 6.85
C PHE C 60 -0.57 -8.94 5.58
N PHE C 61 0.68 -9.13 5.20
CA PHE C 61 1.33 -8.24 4.24
C PHE C 61 1.35 -8.79 2.83
N LEU C 62 1.18 -10.10 2.64
CA LEU C 62 1.32 -10.68 1.31
C LEU C 62 0.34 -10.06 0.31
N GLN C 63 -0.93 -9.92 0.67
CA GLN C 63 -1.88 -9.29 -0.23
C GLN C 63 -1.49 -7.86 -0.54
N ILE C 64 -0.87 -7.17 0.44
CA ILE C 64 -0.41 -5.81 0.18
C ILE C 64 0.82 -5.84 -0.70
N TYR C 65 1.61 -6.90 -0.61
CA TYR C 65 2.80 -7.01 -1.44
C TYR C 65 2.42 -7.22 -2.90
N LEU C 66 1.76 -8.33 -3.21
CA LEU C 66 1.43 -8.67 -4.59
C LEU C 66 0.63 -7.59 -5.29
N LEU C 67 -0.07 -6.74 -4.53
CA LEU C 67 -0.89 -5.69 -5.11
C LEU C 67 -0.16 -4.37 -5.24
N ASP C 68 0.86 -4.11 -4.42
CA ASP C 68 1.44 -2.78 -4.36
C ASP C 68 2.89 -2.72 -4.79
N VAL C 69 3.75 -3.55 -4.22
CA VAL C 69 5.18 -3.46 -4.53
C VAL C 69 5.54 -4.47 -5.61
N ALA C 70 4.77 -5.55 -5.71
CA ALA C 70 4.98 -6.48 -6.80
C ALA C 70 4.14 -6.10 -8.01
N GLN C 71 3.03 -5.40 -7.77
CA GLN C 71 2.16 -4.85 -8.81
C GLN C 71 1.62 -5.89 -9.76
N LEU C 72 1.08 -6.99 -9.23
CA LEU C 72 0.47 -8.00 -10.08
C LEU C 72 -1.01 -7.67 -10.32
N ASP C 73 -1.55 -8.27 -11.38
CA ASP C 73 -2.98 -8.14 -11.65
C ASP C 73 -3.76 -8.79 -10.50
N PRO C 74 -4.70 -8.06 -9.89
CA PRO C 74 -5.42 -8.62 -8.73
C PRO C 74 -6.07 -9.97 -9.00
N PHE C 75 -6.41 -10.29 -10.25
CA PHE C 75 -6.89 -11.63 -10.55
C PHE C 75 -5.83 -12.68 -10.25
N TYR C 76 -4.62 -12.46 -10.76
CA TYR C 76 -3.54 -13.41 -10.52
C TYR C 76 -3.09 -13.39 -9.07
N ALA C 77 -3.18 -12.24 -8.40
CA ALA C 77 -2.88 -12.22 -6.98
C ALA C 77 -3.89 -13.03 -6.18
N SER C 78 -5.16 -12.97 -6.55
CA SER C 78 -6.17 -13.81 -5.92
C SER C 78 -5.88 -15.28 -6.16
N ILE C 79 -5.53 -15.63 -7.41
CA ILE C 79 -5.15 -17.00 -7.72
C ILE C 79 -3.99 -17.44 -6.82
N ILE C 80 -2.98 -16.60 -6.70
CA ILE C 80 -1.80 -16.94 -5.90
C ILE C 80 -2.18 -17.19 -4.46
N LEU C 81 -2.95 -16.27 -3.87
CA LEU C 81 -3.31 -16.40 -2.46
C LEU C 81 -4.14 -17.65 -2.22
N PHE C 82 -5.18 -17.86 -3.04
CA PHE C 82 -6.02 -19.03 -2.89
C PHE C 82 -5.22 -20.32 -3.02
N VAL C 83 -4.42 -20.44 -4.08
CA VAL C 83 -3.72 -21.69 -4.33
C VAL C 83 -2.65 -21.91 -3.27
N GLY C 84 -2.00 -20.86 -2.80
CA GLY C 84 -0.97 -21.02 -1.79
C GLY C 84 -1.52 -21.48 -0.46
N ARG C 85 -2.63 -20.87 -0.02
CA ARG C 85 -3.18 -21.28 1.26
C ARG C 85 -3.89 -22.64 1.15
N ALA C 86 -4.49 -22.94 0.01
CA ALA C 86 -5.04 -24.27 -0.19
C ALA C 86 -3.96 -25.33 -0.22
N TRP C 87 -2.80 -25.01 -0.79
CA TRP C 87 -1.70 -25.96 -0.78
C TRP C 87 -1.10 -26.11 0.61
N ASP C 88 -1.09 -25.04 1.41
CA ASP C 88 -0.69 -25.17 2.80
C ASP C 88 -1.65 -26.08 3.55
N ALA C 89 -2.95 -25.97 3.26
CA ALA C 89 -3.92 -26.87 3.90
C ALA C 89 -3.75 -28.31 3.43
N ILE C 90 -3.44 -28.50 2.15
CA ILE C 90 -3.32 -29.84 1.60
C ILE C 90 -2.06 -30.54 2.09
N THR C 91 -0.96 -29.80 2.20
CA THR C 91 0.33 -30.39 2.55
C THR C 91 0.44 -30.78 4.00
N ASP C 92 -0.53 -30.42 4.85
CA ASP C 92 -0.44 -30.84 6.25
C ASP C 92 -0.73 -32.32 6.43
N PRO C 93 -1.83 -32.88 5.93
CA PRO C 93 -1.99 -34.34 6.04
C PRO C 93 -1.00 -35.11 5.18
N MET C 94 -0.60 -34.57 4.03
CA MET C 94 0.43 -35.21 3.21
C MET C 94 1.70 -35.43 4.02
N VAL C 95 2.20 -34.38 4.66
CA VAL C 95 3.42 -34.50 5.44
C VAL C 95 3.17 -35.33 6.68
N GLY C 96 1.99 -35.20 7.28
CA GLY C 96 1.68 -36.00 8.46
C GLY C 96 1.69 -37.49 8.19
N PHE C 97 1.31 -37.89 6.98
CA PHE C 97 1.42 -39.28 6.55
C PHE C 97 2.83 -39.63 6.10
N PHE C 98 3.56 -38.66 5.54
CA PHE C 98 4.91 -38.94 5.06
C PHE C 98 5.84 -39.31 6.20
N ILE C 99 5.51 -38.94 7.42
CA ILE C 99 6.25 -39.38 8.59
C ILE C 99 5.65 -40.69 9.06
N SER C 100 6.40 -41.44 9.88
CA SER C 100 6.07 -42.78 10.34
C SER C 100 6.23 -43.77 9.19
N LYS C 101 6.53 -43.25 8.00
CA LYS C 101 6.94 -44.07 6.87
C LYS C 101 8.42 -43.89 6.57
N THR C 102 9.05 -42.85 7.12
CA THR C 102 10.46 -42.54 7.03
C THR C 102 11.22 -43.16 8.20
N PRO C 103 12.40 -43.69 7.96
CA PRO C 103 13.10 -44.46 8.98
C PRO C 103 13.88 -43.60 9.96
N TRP C 104 14.05 -44.13 11.15
CA TRP C 104 14.86 -43.48 12.17
C TRP C 104 16.31 -43.45 11.71
N THR C 105 16.79 -42.28 11.31
CA THR C 105 18.15 -42.13 10.82
C THR C 105 19.10 -41.92 12.01
N ARG C 106 20.35 -41.60 11.72
CA ARG C 106 21.34 -41.33 12.75
C ARG C 106 21.11 -39.99 13.44
N PHE C 107 20.31 -39.12 12.84
CA PHE C 107 19.98 -37.82 13.41
C PHE C 107 18.64 -37.81 14.12
N GLY C 108 17.90 -38.91 14.05
CA GLY C 108 16.52 -38.98 14.46
C GLY C 108 15.61 -39.25 13.28
N ARG C 109 14.33 -39.42 13.57
CA ARG C 109 13.34 -39.60 12.51
C ARG C 109 12.66 -38.29 12.12
N LEU C 110 12.20 -37.51 13.09
CA LEU C 110 11.56 -36.23 12.84
C LEU C 110 12.55 -35.08 12.75
N MET C 111 13.79 -35.27 13.18
CA MET C 111 14.75 -34.17 13.18
C MET C 111 15.34 -33.88 11.80
N PRO C 112 15.77 -34.87 11.00
CA PRO C 112 16.31 -34.53 9.67
C PRO C 112 15.34 -33.74 8.79
N TRP C 113 14.03 -33.96 8.92
CA TRP C 113 13.08 -33.11 8.21
C TRP C 113 13.33 -31.64 8.50
N ILE C 114 13.43 -31.29 9.79
CA ILE C 114 13.64 -29.91 10.20
C ILE C 114 15.04 -29.44 9.79
N ILE C 115 16.03 -30.31 9.92
CA ILE C 115 17.40 -29.93 9.62
C ILE C 115 17.56 -29.59 8.13
N PHE C 116 16.90 -30.36 7.27
CA PHE C 116 17.11 -30.22 5.84
C PHE C 116 16.11 -29.29 5.18
N SER C 117 14.92 -29.09 5.74
CA SER C 117 13.97 -28.21 5.10
C SER C 117 14.25 -26.74 5.37
N THR C 118 15.07 -26.43 6.37
CA THR C 118 15.30 -25.02 6.73
C THR C 118 16.04 -24.24 5.65
N PRO C 119 17.14 -24.74 5.07
CA PRO C 119 17.81 -23.93 4.02
C PRO C 119 16.90 -23.62 2.86
N PHE C 120 16.24 -24.63 2.32
CA PHE C 120 15.33 -24.40 1.19
C PHE C 120 14.13 -23.58 1.62
N ALA C 121 13.69 -23.71 2.88
CA ALA C 121 12.58 -22.88 3.35
C ALA C 121 12.94 -21.41 3.31
N VAL C 122 14.11 -21.06 3.85
CA VAL C 122 14.48 -19.64 3.86
C VAL C 122 14.82 -19.15 2.46
N ILE C 123 15.39 -20.01 1.61
CA ILE C 123 15.65 -19.60 0.23
C ILE C 123 14.35 -19.26 -0.48
N SER C 124 13.42 -20.23 -0.52
CA SER C 124 12.14 -20.00 -1.18
C SER C 124 11.25 -19.00 -0.47
N TYR C 125 11.59 -18.61 0.76
CA TYR C 125 10.87 -17.53 1.42
C TYR C 125 11.42 -16.17 1.04
N PHE C 126 12.74 -16.07 0.87
CA PHE C 126 13.32 -14.83 0.37
C PHE C 126 12.82 -14.52 -1.03
N LEU C 127 12.59 -15.55 -1.84
CA LEU C 127 12.20 -15.36 -3.23
C LEU C 127 10.73 -15.05 -3.41
N ILE C 128 9.93 -15.06 -2.34
CA ILE C 128 8.56 -14.57 -2.45
C ILE C 128 8.56 -13.05 -2.44
N TRP C 129 9.37 -12.45 -1.58
CA TRP C 129 9.45 -11.00 -1.43
C TRP C 129 10.46 -10.39 -2.37
N PHE C 130 10.79 -11.09 -3.45
CA PHE C 130 11.72 -10.62 -4.47
C PHE C 130 10.98 -10.53 -5.79
N VAL C 131 11.05 -9.37 -6.43
CA VAL C 131 10.36 -9.16 -7.71
C VAL C 131 11.18 -9.81 -8.82
N PRO C 132 10.55 -10.52 -9.74
CA PRO C 132 11.32 -11.29 -10.73
C PRO C 132 12.16 -10.43 -11.64
N ASP C 133 13.10 -11.08 -12.32
CA ASP C 133 13.95 -10.46 -13.33
C ASP C 133 13.47 -10.75 -14.75
N ILE C 134 12.15 -10.82 -14.94
CA ILE C 134 11.57 -11.21 -16.22
C ILE C 134 10.31 -10.37 -16.42
N SER C 135 9.89 -10.25 -17.68
CA SER C 135 8.68 -9.52 -18.04
C SER C 135 7.50 -10.45 -18.32
N THR C 136 7.75 -11.75 -18.49
CA THR C 136 6.69 -12.71 -18.74
C THR C 136 6.82 -13.85 -17.77
N GLY C 137 5.71 -14.30 -17.21
CA GLY C 137 5.75 -15.32 -16.19
C GLY C 137 6.02 -14.78 -14.81
N GLN C 138 5.48 -13.60 -14.49
CA GLN C 138 5.66 -13.05 -13.15
C GLN C 138 4.81 -13.78 -12.14
N VAL C 139 3.64 -14.27 -12.55
CA VAL C 139 2.73 -14.93 -11.61
C VAL C 139 3.25 -16.30 -11.22
N MET C 140 3.92 -16.99 -12.16
CA MET C 140 4.48 -18.30 -11.82
C MET C 140 5.63 -18.18 -10.84
N TRP C 141 6.39 -17.09 -10.92
CA TRP C 141 7.49 -16.88 -9.97
C TRP C 141 6.97 -16.83 -8.54
N TYR C 142 5.74 -16.36 -8.35
CA TYR C 142 5.18 -16.29 -7.01
C TYR C 142 4.41 -17.56 -6.65
N LEU C 143 3.66 -18.12 -7.59
CA LEU C 143 2.99 -19.40 -7.33
C LEU C 143 3.98 -20.47 -6.91
N ILE C 144 5.03 -20.67 -7.70
CA ILE C 144 5.97 -21.76 -7.47
C ILE C 144 6.66 -21.59 -6.12
N PHE C 145 7.12 -20.38 -5.81
CA PHE C 145 7.90 -20.19 -4.61
C PHE C 145 7.04 -20.10 -3.36
N TYR C 146 5.82 -19.55 -3.46
CA TYR C 146 4.91 -19.60 -2.34
C TYR C 146 4.49 -21.03 -2.04
N CYS C 147 4.27 -21.84 -3.06
CA CYS C 147 3.90 -23.23 -2.84
C CYS C 147 5.07 -24.04 -2.29
N ILE C 148 6.28 -23.78 -2.78
CA ILE C 148 7.45 -24.48 -2.25
C ILE C 148 7.69 -24.09 -0.80
N PHE C 149 7.53 -22.80 -0.47
CA PHE C 149 7.70 -22.39 0.92
C PHE C 149 6.63 -22.98 1.81
N GLN C 150 5.39 -23.07 1.32
CA GLN C 150 4.35 -23.71 2.11
C GLN C 150 4.70 -25.17 2.37
N THR C 151 5.16 -25.88 1.34
CA THR C 151 5.54 -27.27 1.52
C THR C 151 6.67 -27.43 2.52
N LEU C 152 7.67 -26.54 2.47
CA LEU C 152 8.82 -26.70 3.35
C LEU C 152 8.52 -26.24 4.77
N VAL C 153 7.76 -25.17 4.94
CA VAL C 153 7.36 -24.76 6.28
C VAL C 153 6.43 -25.80 6.89
N THR C 154 5.68 -26.54 6.06
CA THR C 154 4.90 -27.64 6.58
C THR C 154 5.81 -28.80 7.01
N CYS C 155 6.77 -29.15 6.16
CA CYS C 155 7.75 -30.18 6.53
C CYS C 155 8.59 -29.78 7.73
N PHE C 156 8.57 -28.51 8.12
CA PHE C 156 9.21 -28.10 9.37
C PHE C 156 8.25 -28.10 10.55
N HIS C 157 7.03 -27.58 10.37
CA HIS C 157 6.12 -27.41 11.49
C HIS C 157 5.47 -28.73 11.91
N VAL C 158 5.13 -29.59 10.96
CA VAL C 158 4.41 -30.82 11.27
C VAL C 158 5.33 -31.81 11.99
N PRO C 159 6.59 -32.00 11.57
CA PRO C 159 7.49 -32.82 12.39
C PRO C 159 7.88 -32.16 13.69
N TYR C 160 7.94 -30.82 13.71
CA TYR C 160 8.17 -30.12 14.98
C TYR C 160 6.97 -30.26 15.90
N SER C 161 5.76 -30.10 15.36
CA SER C 161 4.57 -30.33 16.16
C SER C 161 4.54 -31.74 16.70
N ALA C 162 4.79 -32.73 15.84
CA ALA C 162 4.79 -34.12 16.28
C ALA C 162 6.01 -34.48 17.12
N LEU C 163 6.96 -33.57 17.28
CA LEU C 163 8.12 -33.84 18.12
C LEU C 163 7.77 -33.90 19.59
N THR C 164 6.60 -33.38 19.97
CA THR C 164 6.19 -33.39 21.37
C THR C 164 6.16 -34.80 21.93
N MET C 165 5.48 -35.73 21.23
CA MET C 165 5.28 -37.07 21.75
C MET C 165 6.57 -37.86 21.91
N PHE C 166 7.71 -37.32 21.44
CA PHE C 166 8.98 -38.01 21.56
C PHE C 166 10.01 -37.22 22.38
N ILE C 167 9.63 -36.06 22.91
CA ILE C 167 10.54 -35.30 23.75
C ILE C 167 10.86 -36.09 25.02
N SER C 168 9.83 -36.47 25.77
CA SER C 168 10.02 -37.26 26.98
C SER C 168 8.78 -38.12 27.19
N ARG C 169 8.90 -39.09 28.08
CA ARG C 169 7.84 -40.05 28.35
C ARG C 169 6.82 -39.54 29.37
N GLU C 170 7.17 -38.54 30.17
CA GLU C 170 6.24 -38.00 31.16
C GLU C 170 5.30 -37.00 30.50
N GLN C 171 4.00 -37.17 30.73
CA GLN C 171 3.03 -36.30 30.08
C GLN C 171 3.06 -34.89 30.65
N SER C 172 3.44 -34.73 31.92
CA SER C 172 3.53 -33.39 32.50
C SER C 172 4.59 -32.57 31.80
N GLU C 173 5.74 -33.18 31.49
CA GLU C 173 6.78 -32.47 30.77
C GLU C 173 6.33 -32.09 29.37
N ARG C 174 5.59 -32.96 28.70
CA ARG C 174 5.09 -32.64 27.37
C ARG C 174 4.08 -31.50 27.42
N ASP C 175 3.25 -31.47 28.47
CA ASP C 175 2.30 -30.37 28.61
C ASP C 175 3.00 -29.05 28.90
N SER C 176 4.04 -29.09 29.74
CA SER C 176 4.79 -27.88 30.01
C SER C 176 5.51 -27.39 28.77
N ALA C 177 6.06 -28.31 27.98
CA ALA C 177 6.72 -27.92 26.73
C ALA C 177 5.70 -27.35 25.75
N THR C 178 4.48 -27.88 25.74
CA THR C 178 3.44 -27.33 24.88
C THR C 178 3.04 -25.93 25.32
N ALA C 179 3.00 -25.69 26.62
CA ALA C 179 2.71 -24.34 27.11
C ALA C 179 3.81 -23.36 26.70
N TYR C 180 5.08 -23.74 26.94
CA TYR C 180 6.21 -22.94 26.46
C TYR C 180 6.09 -22.66 24.98
N ARG C 181 5.76 -23.68 24.19
CA ARG C 181 5.70 -23.54 22.74
C ARG C 181 4.59 -22.59 22.33
N MET C 182 3.42 -22.67 22.97
CA MET C 182 2.33 -21.77 22.60
C MET C 182 2.63 -20.34 23.00
N THR C 183 3.24 -20.15 24.16
CA THR C 183 3.71 -18.83 24.56
C THR C 183 4.64 -18.24 23.50
N VAL C 184 5.66 -19.00 23.12
CA VAL C 184 6.62 -18.53 22.12
C VAL C 184 5.95 -18.31 20.77
N GLU C 185 4.90 -19.07 20.46
CA GLU C 185 4.20 -18.87 19.19
C GLU C 185 3.43 -17.56 19.18
N VAL C 186 2.80 -17.22 20.31
CA VAL C 186 2.13 -15.92 20.38
C VAL C 186 3.15 -14.78 20.30
N LEU C 187 4.24 -14.90 21.06
CA LEU C 187 5.30 -13.90 20.97
C LEU C 187 5.90 -13.83 19.59
N GLY C 188 5.91 -14.94 18.85
CA GLY C 188 6.42 -14.93 17.49
C GLY C 188 5.50 -14.26 16.51
N THR C 189 4.19 -14.42 16.70
CA THR C 189 3.24 -13.60 15.97
C THR C 189 3.54 -12.12 16.19
N VAL C 190 3.76 -11.75 17.46
CA VAL C 190 4.13 -10.36 17.77
C VAL C 190 5.40 -9.94 17.07
N LEU C 191 6.46 -10.75 17.13
CA LEU C 191 7.73 -10.39 16.51
C LEU C 191 7.61 -10.28 15.00
N GLY C 192 6.90 -11.20 14.36
CA GLY C 192 6.70 -11.11 12.93
C GLY C 192 6.01 -9.82 12.54
N THR C 193 4.92 -9.50 13.23
CA THR C 193 4.23 -8.24 12.95
C THR C 193 5.15 -7.05 13.14
N ALA C 194 5.86 -7.00 14.28
CA ALA C 194 6.70 -5.86 14.59
C ALA C 194 7.81 -5.69 13.56
N ILE C 195 8.49 -6.78 13.22
CA ILE C 195 9.61 -6.70 12.28
C ILE C 195 9.12 -6.30 10.90
N GLN C 196 8.16 -7.04 10.35
CA GLN C 196 7.67 -6.74 9.02
C GLN C 196 7.03 -5.36 8.94
N GLY C 197 6.60 -4.79 10.06
CA GLY C 197 5.99 -3.48 10.01
C GLY C 197 6.99 -2.35 10.17
N GLN C 198 8.01 -2.55 11.02
CA GLN C 198 8.98 -1.50 11.25
C GLN C 198 10.05 -1.46 10.17
N ILE C 199 10.35 -2.60 9.54
CA ILE C 199 11.32 -2.59 8.45
C ILE C 199 10.69 -2.00 7.19
N VAL C 200 9.46 -2.41 6.88
CA VAL C 200 8.74 -1.87 5.72
C VAL C 200 8.21 -0.47 5.98
N GLY C 201 7.98 -0.10 7.24
CA GLY C 201 7.47 1.22 7.53
C GLY C 201 8.47 2.33 7.29
N LYS C 202 9.75 1.97 7.24
CA LYS C 202 10.79 2.98 7.00
C LYS C 202 10.77 3.45 5.54
N ALA C 203 10.24 2.63 4.64
CA ALA C 203 10.15 2.98 3.23
C ALA C 203 8.71 2.73 2.77
N VAL C 204 7.86 3.75 2.93
CA VAL C 204 6.45 3.64 2.59
C VAL C 204 6.30 3.43 1.09
N THR C 205 5.23 2.76 0.69
CA THR C 205 4.98 2.52 -0.72
C THR C 205 4.55 3.81 -1.40
N PRO C 206 5.19 4.19 -2.49
CA PRO C 206 4.81 5.42 -3.20
C PRO C 206 3.50 5.24 -3.95
N CYS C 207 2.68 6.30 -3.91
CA CYS C 207 1.39 6.30 -4.59
C CYS C 207 1.33 7.52 -5.48
N ILE C 208 0.78 7.32 -6.67
CA ILE C 208 0.57 8.39 -7.62
C ILE C 208 -0.88 8.85 -7.51
N GLU C 209 -1.08 10.12 -7.18
CA GLU C 209 -2.44 10.63 -7.09
C GLU C 209 -3.13 10.50 -8.44
N ASN C 210 -4.45 10.42 -8.40
CA ASN C 210 -5.22 10.26 -9.62
C ASN C 210 -4.97 11.45 -10.54
N PRO C 211 -4.67 11.22 -11.82
CA PRO C 211 -4.38 12.32 -12.73
C PRO C 211 -5.57 13.26 -12.83
N PRO C 212 -5.41 14.52 -12.40
CA PRO C 212 -6.51 15.48 -12.51
C PRO C 212 -6.91 15.78 -13.94
N PHE C 213 -6.02 15.57 -14.90
CA PHE C 213 -6.31 15.83 -16.30
C PHE C 213 -6.91 14.62 -17.00
N LEU C 214 -7.22 13.55 -16.27
CA LEU C 214 -7.72 12.32 -16.84
C LEU C 214 -9.04 11.95 -16.18
N SER C 215 -9.92 11.32 -16.95
CA SER C 215 -11.23 10.88 -16.46
C SER C 215 -11.30 9.40 -16.16
N GLU C 216 -10.67 8.55 -16.99
CA GLU C 216 -10.74 7.11 -16.77
C GLU C 216 -9.89 6.68 -15.57
N THR C 217 -9.07 7.61 -15.06
CA THR C 217 -8.17 7.34 -13.91
C THR C 217 -7.12 6.31 -14.30
N ASN C 218 -7.03 5.99 -15.60
CA ASN C 218 -5.99 5.05 -16.08
C ASN C 218 -4.62 5.72 -15.90
N PHE C 219 -3.63 4.97 -15.41
CA PHE C 219 -2.26 5.52 -15.30
C PHE C 219 -1.49 5.17 -16.57
N SER C 220 -1.90 4.12 -17.27
CA SER C 220 -1.24 3.70 -18.50
C SER C 220 -1.07 4.86 -19.47
N VAL C 221 -2.00 5.82 -19.45
CA VAL C 221 -1.88 6.98 -20.32
C VAL C 221 -1.12 8.11 -19.66
N ALA C 222 -1.30 8.32 -18.35
CA ALA C 222 -0.65 9.42 -17.68
C ALA C 222 0.85 9.22 -17.58
N ILE C 223 1.29 7.98 -17.35
CA ILE C 223 2.72 7.73 -17.16
C ILE C 223 3.48 7.94 -18.46
N ARG C 224 2.85 7.70 -19.61
CA ARG C 224 3.49 7.97 -20.89
C ARG C 224 3.91 9.42 -20.99
N ASN C 225 5.09 9.66 -21.57
CA ASN C 225 5.70 10.98 -21.68
C ASN C 225 6.01 11.58 -20.31
N VAL C 226 6.15 10.74 -19.27
CA VAL C 226 6.42 11.25 -17.89
C VAL C 226 7.60 10.50 -17.27
N ASN C 227 8.57 11.24 -16.69
CA ASN C 227 9.75 10.61 -16.05
C ASN C 227 9.30 9.83 -14.81
N MET C 228 9.94 8.70 -14.53
CA MET C 228 9.51 7.83 -13.41
C MET C 228 10.71 7.52 -12.51
N THR C 229 11.92 7.98 -12.85
CA THR C 229 13.14 7.66 -12.11
C THR C 229 12.95 7.93 -10.62
N HIS C 230 12.23 8.99 -10.27
CA HIS C 230 11.92 9.25 -8.87
C HIS C 230 10.94 8.23 -8.31
N TYR C 231 9.85 7.98 -9.04
CA TYR C 231 8.87 7.00 -8.57
C TYR C 231 9.47 5.60 -8.58
N THR C 232 10.19 5.24 -9.64
CA THR C 232 10.82 3.93 -9.68
C THR C 232 11.89 3.80 -8.61
N GLY C 233 12.53 4.91 -8.24
CA GLY C 233 13.48 4.85 -7.15
C GLY C 233 12.82 4.61 -5.81
N SER C 234 11.70 5.28 -5.56
CA SER C 234 10.96 5.02 -4.33
C SER C 234 10.41 3.60 -4.30
N LEU C 235 10.00 3.09 -5.47
CA LEU C 235 9.50 1.73 -5.54
C LEU C 235 10.60 0.72 -5.31
N ALA C 236 11.79 0.97 -5.85
CA ALA C 236 12.93 0.14 -5.54
C ALA C 236 13.33 0.24 -4.08
N ASP C 237 13.12 1.40 -3.44
CA ASP C 237 13.40 1.52 -2.01
C ASP C 237 12.45 0.66 -1.18
N THR C 238 11.15 0.70 -1.48
CA THR C 238 10.23 -0.13 -0.73
C THR C 238 10.40 -1.61 -1.05
N ARG C 239 10.80 -1.94 -2.28
CA ARG C 239 11.10 -3.32 -2.61
C ARG C 239 12.34 -3.80 -1.87
N ASN C 240 13.35 -2.94 -1.72
CA ASN C 240 14.51 -3.31 -0.93
C ASN C 240 14.16 -3.44 0.54
N ALA C 241 13.21 -2.64 1.02
CA ALA C 241 12.75 -2.81 2.40
C ALA C 241 12.05 -4.14 2.59
N TYR C 242 11.25 -4.56 1.60
CA TYR C 242 10.60 -5.87 1.69
C TYR C 242 11.62 -6.99 1.62
N MET C 243 12.64 -6.86 0.77
CA MET C 243 13.69 -7.86 0.71
C MET C 243 14.48 -7.92 2.02
N VAL C 244 14.70 -6.77 2.65
CA VAL C 244 15.41 -6.74 3.93
C VAL C 244 14.57 -7.41 5.00
N ALA C 245 13.27 -7.14 5.04
CA ALA C 245 12.41 -7.81 6.01
C ALA C 245 12.38 -9.31 5.78
N ALA C 246 12.35 -9.73 4.51
CA ALA C 246 12.41 -11.15 4.19
C ALA C 246 13.70 -11.77 4.68
N GLY C 247 14.82 -11.07 4.49
CA GLY C 247 16.09 -11.59 4.95
C GLY C 247 16.17 -11.69 6.47
N VAL C 248 15.62 -10.70 7.17
CA VAL C 248 15.62 -10.71 8.62
C VAL C 248 14.76 -11.85 9.16
N ILE C 249 13.57 -12.03 8.57
CA ILE C 249 12.70 -13.12 9.01
C ILE C 249 13.33 -14.48 8.69
N GLY C 250 13.98 -14.59 7.53
CA GLY C 250 14.68 -15.83 7.22
C GLY C 250 15.86 -16.08 8.13
N GLY C 251 16.52 -15.02 8.59
CA GLY C 251 17.59 -15.20 9.55
C GLY C 251 17.08 -15.66 10.90
N LEU C 252 15.95 -15.11 11.34
CA LEU C 252 15.32 -15.62 12.55
C LEU C 252 14.92 -17.08 12.38
N TYR C 253 14.40 -17.43 11.20
CA TYR C 253 14.08 -18.82 10.89
C TYR C 253 15.30 -19.71 11.04
N ILE C 254 16.41 -19.33 10.41
CA ILE C 254 17.62 -20.13 10.45
C ILE C 254 18.13 -20.26 11.88
N LEU C 255 18.15 -19.15 12.62
CA LEU C 255 18.67 -19.18 13.98
C LEU C 255 17.83 -20.06 14.88
N CYS C 256 16.49 -19.91 14.80
CA CYS C 256 15.61 -20.72 15.62
C CYS C 256 15.70 -22.19 15.24
N ALA C 257 15.86 -22.50 13.95
CA ALA C 257 15.99 -23.88 13.53
C ALA C 257 17.29 -24.50 14.04
N VAL C 258 18.38 -23.74 14.02
CA VAL C 258 19.64 -24.25 14.53
C VAL C 258 19.55 -24.51 16.03
N ILE C 259 18.94 -23.58 16.78
CA ILE C 259 18.77 -23.81 18.21
C ILE C 259 17.90 -25.03 18.47
N LEU C 260 16.79 -25.15 17.73
CA LEU C 260 15.90 -26.29 17.91
C LEU C 260 16.62 -27.60 17.62
N SER C 261 17.49 -27.61 16.61
CA SER C 261 18.17 -28.83 16.23
C SER C 261 19.35 -29.17 17.13
N VAL C 262 19.94 -28.19 17.80
CA VAL C 262 21.07 -28.47 18.68
C VAL C 262 20.68 -28.65 20.13
N GLY C 263 19.53 -28.11 20.56
CA GLY C 263 19.13 -28.21 21.95
C GLY C 263 18.11 -29.28 22.24
N VAL C 264 17.56 -29.86 21.18
CA VAL C 264 16.53 -30.89 21.28
C VAL C 264 17.09 -32.18 20.70
N ARG C 265 17.12 -33.24 21.51
CA ARG C 265 17.52 -34.56 21.06
C ARG C 265 16.45 -35.56 21.47
N GLU C 266 15.69 -36.05 20.49
CA GLU C 266 14.59 -36.94 20.76
C GLU C 266 15.08 -38.33 21.15
N LYS C 267 14.15 -39.15 21.62
CA LYS C 267 14.48 -40.49 22.08
C LYS C 267 14.24 -41.52 20.98
N SER C 280 -8.94 -47.45 8.87
CA SER C 280 -7.81 -46.55 8.74
C SER C 280 -8.26 -45.09 8.70
N PHE C 281 -7.68 -44.32 7.78
CA PHE C 281 -8.00 -42.89 7.73
C PHE C 281 -9.42 -42.65 7.20
N PHE C 282 -9.88 -43.46 6.25
CA PHE C 282 -11.28 -43.35 5.83
C PHE C 282 -12.21 -43.70 6.98
N ARG C 283 -11.85 -44.71 7.78
CA ARG C 283 -12.59 -45.01 9.00
C ARG C 283 -12.59 -43.82 9.94
N GLY C 284 -11.45 -43.15 10.08
CA GLY C 284 -11.37 -41.99 10.95
C GLY C 284 -12.26 -40.84 10.49
N LEU C 285 -12.31 -40.61 9.18
CA LEU C 285 -13.15 -39.54 8.66
C LEU C 285 -14.63 -39.90 8.74
N LYS C 286 -14.95 -41.19 8.67
CA LYS C 286 -16.33 -41.59 8.89
C LYS C 286 -16.70 -41.50 10.37
N LEU C 287 -15.72 -41.66 11.25
CA LEU C 287 -15.99 -41.62 12.68
C LEU C 287 -16.07 -40.18 13.20
N VAL C 288 -15.33 -39.27 12.56
CA VAL C 288 -15.32 -37.88 13.02
C VAL C 288 -16.67 -37.22 12.73
N MET C 289 -17.38 -37.71 11.70
CA MET C 289 -18.71 -37.20 11.41
C MET C 289 -19.78 -37.83 12.29
N ASN C 290 -19.41 -38.76 13.16
CA ASN C 290 -20.34 -39.38 14.09
C ASN C 290 -20.22 -38.83 15.49
N HIS C 291 -19.39 -37.81 15.70
CA HIS C 291 -19.37 -37.03 16.94
C HIS C 291 -19.98 -35.68 16.60
N GLY C 292 -21.28 -35.56 16.82
CA GLY C 292 -21.99 -34.36 16.38
C GLY C 292 -21.61 -33.13 17.17
N ALA C 293 -21.27 -33.29 18.44
CA ALA C 293 -20.87 -32.13 19.25
C ALA C 293 -19.59 -31.50 18.70
N TYR C 294 -18.61 -32.33 18.35
CA TYR C 294 -17.42 -31.82 17.69
C TYR C 294 -17.76 -31.12 16.39
N ILE C 295 -18.74 -31.64 15.64
CA ILE C 295 -19.10 -31.03 14.38
C ILE C 295 -19.72 -29.66 14.60
N LYS C 296 -20.54 -29.52 15.65
CA LYS C 296 -21.15 -28.22 15.94
C LYS C 296 -20.11 -27.21 16.37
N LEU C 297 -19.20 -27.63 17.26
CA LEU C 297 -18.09 -26.76 17.63
C LEU C 297 -17.27 -26.35 16.41
N ILE C 298 -17.05 -27.29 15.49
CA ILE C 298 -16.27 -26.98 14.31
C ILE C 298 -16.98 -25.93 13.45
N THR C 299 -18.27 -26.12 13.19
CA THR C 299 -18.98 -25.14 12.38
C THR C 299 -18.92 -23.75 13.01
N GLY C 300 -19.23 -23.67 14.30
CA GLY C 300 -19.20 -22.37 14.97
C GLY C 300 -17.84 -21.70 14.94
N PHE C 301 -16.84 -22.38 15.50
CA PHE C 301 -15.51 -21.80 15.57
C PHE C 301 -14.91 -21.57 14.19
N LEU C 302 -15.32 -22.35 13.19
CA LEU C 302 -14.82 -22.14 11.84
C LEU C 302 -15.39 -20.87 11.25
N PHE C 303 -16.68 -20.62 11.44
CA PHE C 303 -17.24 -19.36 10.96
C PHE C 303 -16.56 -18.18 11.64
N THR C 304 -16.35 -18.26 12.95
CA THR C 304 -15.71 -17.14 13.65
C THR C 304 -14.26 -16.93 13.17
N SER C 305 -13.47 -18.01 13.12
CA SER C 305 -12.08 -17.89 12.71
C SER C 305 -11.96 -17.43 11.27
N LEU C 306 -12.87 -17.87 10.40
CA LEU C 306 -12.89 -17.39 9.02
C LEU C 306 -13.14 -15.90 8.97
N ALA C 307 -14.13 -15.43 9.74
CA ALA C 307 -14.36 -14.00 9.84
C ALA C 307 -13.10 -13.26 10.25
N PHE C 308 -12.38 -13.81 11.23
CA PHE C 308 -11.23 -13.08 11.75
C PHE C 308 -10.03 -13.10 10.82
N MET C 309 -9.84 -14.17 10.05
CA MET C 309 -8.74 -14.17 9.09
C MET C 309 -9.07 -13.29 7.88
N LEU C 310 -10.32 -13.28 7.46
CA LEU C 310 -10.78 -12.31 6.48
C LEU C 310 -10.48 -10.90 6.96
N LEU C 311 -10.77 -10.62 8.24
CA LEU C 311 -10.40 -9.35 8.85
C LEU C 311 -8.91 -9.11 8.73
N GLU C 312 -8.10 -10.09 9.10
CA GLU C 312 -6.65 -9.96 9.03
C GLU C 312 -6.20 -9.42 7.68
N GLY C 313 -6.47 -10.19 6.62
CA GLY C 313 -5.97 -9.79 5.31
C GLY C 313 -6.60 -8.51 4.80
N ASN C 314 -7.92 -8.51 4.66
CA ASN C 314 -8.56 -7.36 4.03
C ASN C 314 -8.47 -6.11 4.89
N PHE C 315 -8.19 -6.23 6.19
CA PHE C 315 -7.98 -5.06 7.03
C PHE C 315 -6.57 -4.52 6.86
N ALA C 316 -5.58 -5.42 6.74
CA ALA C 316 -4.25 -4.97 6.36
C ALA C 316 -4.31 -4.09 5.11
N LEU C 317 -5.18 -4.45 4.16
CA LEU C 317 -5.31 -3.61 2.97
C LEU C 317 -6.22 -2.39 3.20
N PHE C 318 -7.27 -2.55 4.01
CA PHE C 318 -8.30 -1.54 4.18
C PHE C 318 -7.78 -0.34 4.98
N CYS C 319 -6.99 -0.60 6.02
CA CYS C 319 -6.39 0.48 6.79
C CYS C 319 -5.60 1.42 5.88
N THR C 320 -4.91 0.87 4.89
CA THR C 320 -4.12 1.68 3.98
C THR C 320 -5.01 2.42 2.98
N TYR C 321 -5.88 1.68 2.28
CA TYR C 321 -6.52 2.31 1.14
C TYR C 321 -7.80 3.06 1.47
N THR C 322 -8.64 2.54 2.35
CA THR C 322 -9.91 3.20 2.63
C THR C 322 -9.76 4.30 3.69
N LEU C 323 -9.26 3.96 4.87
CA LEU C 323 -9.07 4.96 5.90
C LEU C 323 -8.02 5.99 5.50
N GLY C 324 -7.00 5.55 4.77
CA GLY C 324 -5.99 6.47 4.30
C GLY C 324 -4.77 6.60 5.19
N PHE C 325 -4.55 5.65 6.10
CA PHE C 325 -3.40 5.68 7.00
C PHE C 325 -2.32 4.80 6.39
N ARG C 326 -1.85 5.17 5.21
CA ARG C 326 -0.79 4.44 4.54
C ARG C 326 0.56 4.61 5.23
N ASN C 327 0.74 5.68 5.98
CA ASN C 327 2.02 5.98 6.62
C ASN C 327 2.20 5.27 7.95
N GLU C 328 1.12 4.90 8.63
CA GLU C 328 1.26 4.34 9.97
C GLU C 328 0.37 3.12 10.19
N PHE C 329 0.00 2.42 9.13
CA PHE C 329 -0.77 1.19 9.30
C PHE C 329 0.03 0.08 9.95
N GLN C 330 1.35 0.11 9.83
CA GLN C 330 2.19 -0.85 10.55
C GLN C 330 2.06 -0.67 12.06
N ASN C 331 1.98 0.58 12.52
CA ASN C 331 1.78 0.85 13.93
C ASN C 331 0.43 0.31 14.40
N ILE C 332 -0.59 0.42 13.55
CA ILE C 332 -1.91 -0.07 13.93
C ILE C 332 -1.92 -1.59 14.01
N LEU C 333 -1.26 -2.26 13.06
CA LEU C 333 -1.18 -3.71 13.12
C LEU C 333 -0.42 -4.17 14.35
N LEU C 334 0.68 -3.48 14.68
CA LEU C 334 1.44 -3.83 15.87
C LEU C 334 0.63 -3.60 17.13
N ALA C 335 -0.17 -2.53 17.16
CA ALA C 335 -1.03 -2.29 18.32
C ALA C 335 -2.06 -3.39 18.48
N ILE C 336 -2.71 -3.78 17.38
CA ILE C 336 -3.64 -4.91 17.41
C ILE C 336 -2.98 -6.13 18.01
N MET C 337 -1.83 -6.51 17.46
CA MET C 337 -1.20 -7.76 17.89
C MET C 337 -0.73 -7.68 19.34
N LEU C 338 -0.21 -6.53 19.77
CA LEU C 338 0.23 -6.39 21.14
C LEU C 338 -0.94 -6.43 22.11
N SER C 339 -2.06 -5.79 21.76
CA SER C 339 -3.23 -5.85 22.61
C SER C 339 -3.71 -7.28 22.76
N ALA C 340 -3.76 -8.02 21.64
CA ALA C 340 -4.20 -9.42 21.69
C ALA C 340 -3.28 -10.24 22.57
N THR C 341 -1.97 -10.07 22.42
CA THR C 341 -1.01 -10.90 23.15
C THR C 341 -1.03 -10.59 24.64
N LEU C 342 -1.16 -9.32 25.01
CA LEU C 342 -1.22 -8.97 26.42
C LEU C 342 -2.57 -9.30 27.04
N THR C 343 -3.64 -9.39 26.24
CA THR C 343 -4.96 -9.68 26.80
C THR C 343 -5.32 -11.16 26.75
N ILE C 344 -4.51 -12.00 26.11
CA ILE C 344 -4.74 -13.44 26.19
C ILE C 344 -4.80 -13.95 27.63
N PRO C 345 -3.88 -13.59 28.53
CA PRO C 345 -3.97 -14.14 29.90
C PRO C 345 -5.24 -13.71 30.63
N PHE C 346 -5.73 -12.50 30.37
CA PHE C 346 -7.03 -12.13 30.93
C PHE C 346 -8.11 -13.11 30.47
N TRP C 347 -8.10 -13.46 29.18
CA TRP C 347 -9.08 -14.42 28.69
C TRP C 347 -8.90 -15.78 29.33
N GLN C 348 -7.67 -16.16 29.65
CA GLN C 348 -7.48 -17.38 30.44
C GLN C 348 -8.19 -17.27 31.78
N TRP C 349 -8.01 -16.14 32.46
CA TRP C 349 -8.71 -15.95 33.74
C TRP C 349 -10.20 -15.96 33.56
N PHE C 350 -10.69 -15.45 32.44
CA PHE C 350 -12.12 -15.43 32.18
C PHE C 350 -12.65 -16.85 32.01
N LEU C 351 -12.01 -17.63 31.15
CA LEU C 351 -12.34 -19.05 31.01
C LEU C 351 -12.39 -19.72 32.38
N THR C 352 -11.44 -19.37 33.26
CA THR C 352 -11.45 -19.96 34.59
C THR C 352 -12.62 -19.45 35.45
N ARG C 353 -13.07 -18.22 35.23
CA ARG C 353 -14.13 -17.65 36.05
C ARG C 353 -15.51 -18.11 35.60
N PHE C 354 -15.89 -17.75 34.38
CA PHE C 354 -17.17 -18.19 33.84
C PHE C 354 -16.99 -19.46 33.02
N GLY C 355 -18.07 -19.88 32.38
CA GLY C 355 -17.95 -20.96 31.41
C GLY C 355 -17.25 -20.49 30.16
N LYS C 356 -16.73 -21.43 29.38
CA LYS C 356 -16.17 -21.04 28.08
C LYS C 356 -17.26 -20.59 27.12
N LYS C 357 -18.47 -21.11 27.28
CA LYS C 357 -19.60 -20.72 26.45
C LYS C 357 -20.07 -19.29 26.73
N THR C 358 -19.67 -18.71 27.87
CA THR C 358 -19.92 -17.29 28.12
C THR C 358 -18.81 -16.43 27.56
N ALA C 359 -17.57 -16.91 27.65
CA ALA C 359 -16.45 -16.15 27.13
C ALA C 359 -16.52 -16.04 25.62
N VAL C 360 -16.95 -17.11 24.93
CA VAL C 360 -17.08 -17.02 23.48
C VAL C 360 -18.01 -15.87 23.11
N TYR C 361 -19.19 -15.81 23.74
CA TYR C 361 -20.15 -14.78 23.42
C TYR C 361 -19.59 -13.39 23.73
N VAL C 362 -19.13 -13.18 24.97
CA VAL C 362 -18.70 -11.84 25.35
C VAL C 362 -17.51 -11.38 24.51
N GLY C 363 -16.46 -12.20 24.42
CA GLY C 363 -15.27 -11.84 23.68
C GLY C 363 -15.50 -11.64 22.19
N ILE C 364 -16.14 -12.59 21.52
CA ILE C 364 -16.30 -12.47 20.09
C ILE C 364 -17.36 -11.41 19.75
N SER C 365 -18.25 -11.08 20.69
CA SER C 365 -19.25 -10.05 20.43
C SER C 365 -18.71 -8.66 20.72
N SER C 366 -17.67 -8.53 21.54
CA SER C 366 -17.07 -7.22 21.76
C SER C 366 -16.62 -6.58 20.45
N ALA C 367 -16.36 -7.37 19.42
CA ALA C 367 -15.80 -6.83 18.19
C ALA C 367 -16.85 -6.12 17.35
N VAL C 368 -18.10 -6.59 17.41
CA VAL C 368 -19.16 -6.12 16.53
C VAL C 368 -19.34 -4.60 16.62
N PRO C 369 -19.56 -4.00 17.80
CA PRO C 369 -19.81 -2.56 17.82
C PRO C 369 -18.64 -1.73 17.31
N PHE C 370 -17.41 -2.12 17.65
CA PHE C 370 -16.25 -1.36 17.18
C PHE C 370 -16.01 -1.57 15.70
N LEU C 371 -16.28 -2.79 15.20
CA LEU C 371 -16.14 -3.04 13.77
C LEU C 371 -17.18 -2.27 12.97
N ILE C 372 -18.32 -1.96 13.57
CA ILE C 372 -19.29 -1.09 12.90
C ILE C 372 -18.84 0.36 13.01
N THR C 373 -18.33 0.75 14.19
CA THR C 373 -17.90 2.12 14.41
C THR C 373 -16.81 2.53 13.43
N VAL C 374 -15.85 1.63 13.17
CA VAL C 374 -14.69 2.00 12.36
C VAL C 374 -15.09 2.38 10.94
N VAL C 375 -16.20 1.84 10.45
CA VAL C 375 -16.60 2.13 9.08
C VAL C 375 -17.70 3.17 9.05
N VAL C 376 -18.43 3.32 10.16
CA VAL C 376 -19.49 4.34 10.20
C VAL C 376 -18.89 5.73 10.25
N LEU C 377 -18.04 5.99 11.25
CA LEU C 377 -17.43 7.30 11.42
C LEU C 377 -16.20 7.45 10.55
N ASP C 378 -15.90 8.70 10.20
CA ASP C 378 -14.82 9.01 9.28
C ASP C 378 -13.46 8.66 9.88
N SER C 379 -12.41 8.84 9.08
CA SER C 379 -11.07 8.49 9.49
C SER C 379 -10.65 9.30 10.70
N ASN C 380 -10.01 8.64 11.66
CA ASN C 380 -9.46 9.28 12.84
C ASN C 380 -8.45 8.36 13.49
N LEU C 381 -7.19 8.79 13.51
CA LEU C 381 -6.12 7.96 14.08
C LEU C 381 -6.26 7.77 15.58
N VAL C 382 -7.16 8.50 16.24
CA VAL C 382 -7.43 8.24 17.65
C VAL C 382 -8.57 7.25 17.83
N VAL C 383 -9.56 7.29 16.93
CA VAL C 383 -10.62 6.28 16.94
C VAL C 383 -10.11 4.97 16.37
N THR C 384 -9.22 5.04 15.38
CA THR C 384 -8.69 3.84 14.76
C THR C 384 -7.88 3.01 15.75
N TYR C 385 -7.07 3.67 16.58
CA TYR C 385 -6.36 2.93 17.62
C TYR C 385 -7.32 2.27 18.59
N ILE C 386 -8.44 2.90 18.89
CA ILE C 386 -9.36 2.32 19.86
C ILE C 386 -10.07 1.11 19.27
N VAL C 387 -10.56 1.23 18.03
CA VAL C 387 -11.18 0.07 17.41
C VAL C 387 -10.15 -1.02 17.20
N ALA C 388 -8.88 -0.65 17.03
CA ALA C 388 -7.83 -1.65 16.84
C ALA C 388 -7.55 -2.41 18.14
N VAL C 389 -7.51 -1.71 19.27
CA VAL C 389 -7.25 -2.43 20.52
C VAL C 389 -8.46 -3.28 20.90
N ALA C 390 -9.68 -2.81 20.63
CA ALA C 390 -10.85 -3.65 20.89
C ALA C 390 -10.85 -4.88 19.99
N ALA C 391 -10.54 -4.70 18.71
CA ALA C 391 -10.47 -5.84 17.80
C ALA C 391 -9.34 -6.79 18.19
N GLY C 392 -8.26 -6.27 18.77
CA GLY C 392 -7.21 -7.15 19.25
C GLY C 392 -7.67 -8.00 20.42
N ILE C 393 -8.38 -7.38 21.37
CA ILE C 393 -8.95 -8.14 22.48
C ILE C 393 -9.86 -9.24 21.96
N SER C 394 -10.75 -8.89 21.02
CA SER C 394 -11.70 -9.87 20.51
C SER C 394 -11.01 -10.96 19.70
N VAL C 395 -9.93 -10.61 18.99
CA VAL C 395 -9.17 -11.61 18.25
C VAL C 395 -8.53 -12.60 19.21
N ALA C 396 -7.93 -12.08 20.28
CA ALA C 396 -7.35 -12.96 21.30
C ALA C 396 -8.41 -13.89 21.86
N ALA C 397 -9.62 -13.37 22.11
CA ALA C 397 -10.69 -14.21 22.61
C ALA C 397 -11.04 -15.32 21.60
N ALA C 398 -11.30 -14.93 20.36
CA ALA C 398 -11.78 -15.86 19.35
C ALA C 398 -10.74 -16.87 18.92
N PHE C 399 -9.46 -16.62 19.16
CA PHE C 399 -8.44 -17.61 18.84
C PHE C 399 -7.95 -18.39 20.05
N LEU C 400 -8.16 -17.88 21.27
CA LEU C 400 -7.81 -18.65 22.46
C LEU C 400 -8.92 -19.61 22.84
N LEU C 401 -10.18 -19.28 22.49
CA LEU C 401 -11.28 -20.15 22.93
C LEU C 401 -11.26 -21.51 22.24
N PRO C 402 -11.21 -21.62 20.91
CA PRO C 402 -11.15 -22.98 20.32
C PRO C 402 -9.99 -23.81 20.81
N TRP C 403 -8.80 -23.22 20.94
CA TRP C 403 -7.63 -23.97 21.34
C TRP C 403 -7.80 -24.65 22.69
N SER C 404 -8.69 -24.16 23.55
CA SER C 404 -8.93 -24.75 24.85
C SER C 404 -10.28 -25.44 24.97
N MET C 405 -11.21 -25.19 24.05
CA MET C 405 -12.47 -25.91 24.02
C MET C 405 -12.40 -27.19 23.23
N LEU C 406 -11.47 -27.31 22.28
CA LEU C 406 -11.35 -28.56 21.54
C LEU C 406 -10.91 -29.72 22.41
N PRO C 407 -9.92 -29.58 23.30
CA PRO C 407 -9.63 -30.70 24.21
C PRO C 407 -10.83 -31.19 24.99
N ASP C 408 -11.85 -30.35 25.19
CA ASP C 408 -13.05 -30.80 25.90
C ASP C 408 -13.88 -31.73 25.03
N VAL C 409 -14.00 -31.46 23.72
CA VAL C 409 -14.70 -32.41 22.87
C VAL C 409 -13.85 -33.65 22.66
N ILE C 410 -12.52 -33.52 22.74
CA ILE C 410 -11.67 -34.72 22.75
C ILE C 410 -11.98 -35.58 23.96
N ASP C 411 -12.12 -34.95 25.13
CA ASP C 411 -12.43 -35.70 26.36
C ASP C 411 -13.84 -36.28 26.30
N ASP C 412 -14.77 -35.59 25.65
CA ASP C 412 -16.12 -36.13 25.51
C ASP C 412 -16.13 -37.31 24.54
N PHE C 413 -15.30 -37.26 23.51
CA PHE C 413 -15.21 -38.38 22.58
C PHE C 413 -14.54 -39.58 23.24
N LYS C 414 -13.55 -39.32 24.10
CA LYS C 414 -12.94 -40.40 24.86
C LYS C 414 -13.94 -41.10 25.78
N LEU C 415 -15.08 -40.47 26.06
CA LEU C 415 -16.14 -41.11 26.83
C LEU C 415 -17.28 -41.64 25.98
N GLN C 416 -17.50 -41.08 24.80
CA GLN C 416 -18.54 -41.61 23.91
C GLN C 416 -18.10 -42.94 23.30
N HIS C 417 -16.95 -42.95 22.62
CA HIS C 417 -16.34 -44.18 22.13
C HIS C 417 -15.06 -44.44 22.91
N PRO C 418 -15.15 -45.04 24.09
CA PRO C 418 -13.99 -45.11 25.00
C PRO C 418 -13.01 -46.25 24.73
N GLU C 419 -13.12 -46.94 23.60
CA GLU C 419 -12.18 -47.99 23.24
C GLU C 419 -11.21 -47.57 22.15
N SER C 420 -11.34 -46.35 21.64
CA SER C 420 -10.57 -45.93 20.49
C SER C 420 -9.11 -45.69 20.86
N ARG C 421 -8.21 -46.33 20.11
CA ARG C 421 -6.79 -46.05 20.17
C ARG C 421 -6.43 -45.21 18.96
N GLY C 422 -5.67 -44.15 19.17
CA GLY C 422 -5.49 -43.17 18.12
C GLY C 422 -6.78 -42.41 17.90
N HIS C 423 -6.93 -41.80 16.73
CA HIS C 423 -8.15 -41.06 16.39
C HIS C 423 -8.45 -39.99 17.44
N GLU C 424 -7.41 -39.29 17.88
CA GLU C 424 -7.54 -38.20 18.84
C GLU C 424 -6.98 -36.89 18.30
N ALA C 425 -5.95 -36.97 17.47
CA ALA C 425 -5.44 -35.80 16.75
C ALA C 425 -6.08 -35.65 15.38
N ILE C 426 -6.92 -36.60 14.97
CA ILE C 426 -7.66 -36.45 13.73
C ILE C 426 -8.61 -35.27 13.84
N PHE C 427 -9.11 -34.98 15.04
CA PHE C 427 -9.97 -33.82 15.25
C PHE C 427 -9.22 -32.53 14.97
N PHE C 428 -8.04 -32.39 15.58
CA PHE C 428 -7.21 -31.21 15.32
C PHE C 428 -6.85 -31.12 13.84
N SER C 429 -6.53 -32.24 13.21
CA SER C 429 -6.18 -32.23 11.79
C SER C 429 -7.33 -31.72 10.94
N PHE C 430 -8.53 -32.27 11.17
CA PHE C 430 -9.71 -31.83 10.43
C PHE C 430 -9.97 -30.35 10.65
N TYR C 431 -9.91 -29.90 11.90
CA TYR C 431 -10.19 -28.50 12.20
C TYR C 431 -9.19 -27.59 11.52
N VAL C 432 -7.91 -27.92 11.59
CA VAL C 432 -6.87 -27.06 11.04
C VAL C 432 -6.95 -27.05 9.51
N PHE C 433 -7.22 -28.21 8.91
CA PHE C 433 -7.38 -28.25 7.46
C PHE C 433 -8.53 -27.40 7.00
N PHE C 434 -9.70 -27.54 7.63
CA PHE C 434 -10.85 -26.75 7.20
C PHE C 434 -10.76 -25.30 7.65
N THR C 435 -9.85 -24.97 8.56
CA THR C 435 -9.55 -23.57 8.83
C THR C 435 -8.72 -22.97 7.71
N LYS C 436 -7.60 -23.62 7.37
CA LYS C 436 -6.66 -23.04 6.43
C LYS C 436 -7.22 -23.04 5.01
N PHE C 437 -7.85 -24.13 4.59
CA PHE C 437 -8.44 -24.19 3.25
C PHE C 437 -9.50 -23.12 3.08
N THR C 438 -10.38 -22.97 4.08
CA THR C 438 -11.45 -21.99 3.97
C THR C 438 -10.93 -20.57 4.03
N SER C 439 -9.90 -20.32 4.86
CA SER C 439 -9.30 -18.99 4.88
C SER C 439 -8.66 -18.66 3.54
N GLY C 440 -8.04 -19.65 2.90
CA GLY C 440 -7.48 -19.41 1.59
C GLY C 440 -8.55 -19.13 0.55
N VAL C 441 -9.64 -19.89 0.57
CA VAL C 441 -10.74 -19.65 -0.35
C VAL C 441 -11.30 -18.24 -0.14
N SER C 442 -11.43 -17.83 1.12
CA SER C 442 -12.01 -16.52 1.40
C SER C 442 -11.08 -15.39 1.00
N LEU C 443 -9.77 -15.54 1.21
CA LEU C 443 -8.83 -14.52 0.77
C LEU C 443 -8.78 -14.43 -0.74
N GLY C 444 -8.85 -15.57 -1.43
CA GLY C 444 -8.92 -15.55 -2.88
C GLY C 444 -10.16 -14.83 -3.37
N ILE C 445 -11.32 -15.12 -2.77
CA ILE C 445 -12.55 -14.47 -3.19
C ILE C 445 -12.51 -12.98 -2.86
N SER C 446 -11.85 -12.60 -1.77
CA SER C 446 -11.73 -11.19 -1.43
C SER C 446 -10.91 -10.44 -2.46
N THR C 447 -9.73 -10.97 -2.79
CA THR C 447 -8.91 -10.31 -3.80
C THR C 447 -9.58 -10.35 -5.17
N LEU C 448 -10.36 -11.38 -5.45
CA LEU C 448 -11.08 -11.44 -6.72
C LEU C 448 -12.17 -10.38 -6.78
N SER C 449 -12.88 -10.16 -5.68
CA SER C 449 -13.90 -9.12 -5.65
C SER C 449 -13.27 -7.74 -5.73
N LEU C 450 -12.09 -7.57 -5.13
CA LEU C 450 -11.36 -6.32 -5.30
C LEU C 450 -10.94 -6.12 -6.74
N ASP C 451 -10.60 -7.21 -7.43
CA ASP C 451 -10.35 -7.13 -8.87
C ASP C 451 -11.59 -6.67 -9.62
N PHE C 452 -12.75 -7.25 -9.29
CA PHE C 452 -13.98 -6.92 -10.00
C PHE C 452 -14.48 -5.52 -9.70
N ALA C 453 -14.07 -4.93 -8.59
CA ALA C 453 -14.45 -3.57 -8.22
C ALA C 453 -13.59 -2.51 -8.91
N GLY C 454 -12.64 -2.92 -9.74
CA GLY C 454 -11.79 -2.00 -10.45
C GLY C 454 -10.60 -1.49 -9.65
N TYR C 455 -9.87 -2.41 -9.03
CA TYR C 455 -8.70 -2.02 -8.25
C TYR C 455 -7.61 -1.46 -9.16
N GLN C 456 -7.15 -0.25 -8.86
CA GLN C 456 -6.13 0.42 -9.65
C GLN C 456 -4.78 0.33 -8.96
N THR C 457 -3.80 -0.25 -9.66
CA THR C 457 -2.44 -0.34 -9.15
C THR C 457 -1.76 1.00 -9.37
N ARG C 458 -0.84 1.35 -8.48
CA ARG C 458 -0.11 2.62 -8.39
C ARG C 458 -1.00 3.74 -7.88
N GLY C 459 -2.30 3.49 -7.69
CA GLY C 459 -3.19 4.51 -7.23
C GLY C 459 -2.92 4.87 -5.79
N CYS C 460 -3.48 6.01 -5.38
CA CYS C 460 -3.28 6.47 -4.02
C CYS C 460 -4.65 6.68 -3.38
N SER C 461 -5.68 6.72 -4.22
CA SER C 461 -7.07 6.71 -3.78
C SER C 461 -7.85 5.80 -4.71
N GLN C 462 -8.37 4.72 -4.17
CA GLN C 462 -9.04 3.71 -4.97
C GLN C 462 -10.46 4.16 -5.33
N PRO C 463 -11.06 3.55 -6.36
CA PRO C 463 -12.42 3.95 -6.75
C PRO C 463 -13.46 3.74 -5.66
N SER C 464 -14.69 4.19 -5.93
CA SER C 464 -15.74 4.12 -4.92
C SER C 464 -16.11 2.68 -4.61
N GLU C 465 -16.25 1.84 -5.64
CA GLU C 465 -16.61 0.45 -5.43
C GLU C 465 -15.57 -0.29 -4.61
N VAL C 466 -14.29 0.06 -4.78
CA VAL C 466 -13.24 -0.59 -4.01
C VAL C 466 -13.37 -0.22 -2.54
N ASN C 467 -13.70 1.03 -2.24
CA ASN C 467 -13.87 1.43 -0.85
C ASN C 467 -15.11 0.80 -0.24
N ILE C 468 -16.19 0.71 -1.01
CA ILE C 468 -17.39 0.03 -0.53
C ILE C 468 -17.09 -1.43 -0.22
N THR C 469 -16.32 -2.09 -1.09
CA THR C 469 -15.96 -3.48 -0.84
C THR C 469 -15.07 -3.62 0.39
N LEU C 470 -14.07 -2.75 0.52
CA LEU C 470 -13.20 -2.81 1.69
C LEU C 470 -13.95 -2.49 2.97
N LYS C 471 -15.07 -1.77 2.87
CA LYS C 471 -15.89 -1.54 4.05
C LYS C 471 -16.79 -2.73 4.34
N LEU C 472 -17.25 -3.42 3.29
CA LEU C 472 -18.08 -4.60 3.49
C LEU C 472 -17.27 -5.78 3.98
N LEU C 473 -16.03 -5.90 3.50
CA LEU C 473 -15.16 -7.00 3.88
C LEU C 473 -14.58 -6.84 5.28
N VAL C 474 -15.00 -5.82 6.02
CA VAL C 474 -14.51 -5.59 7.37
C VAL C 474 -15.70 -5.51 8.33
N SER C 475 -16.86 -5.10 7.81
CA SER C 475 -18.03 -4.93 8.66
C SER C 475 -19.21 -5.79 8.23
N ALA C 476 -19.55 -5.86 6.95
CA ALA C 476 -20.70 -6.63 6.55
C ALA C 476 -20.42 -8.13 6.66
N VAL C 477 -19.45 -8.61 5.89
CA VAL C 477 -19.15 -10.04 5.83
C VAL C 477 -18.58 -10.53 7.15
N PRO C 478 -17.59 -9.86 7.76
CA PRO C 478 -17.08 -10.37 9.05
C PRO C 478 -18.11 -10.39 10.17
N VAL C 479 -18.92 -9.34 10.31
CA VAL C 479 -19.92 -9.36 11.37
C VAL C 479 -21.00 -10.37 11.07
N GLY C 480 -21.40 -10.52 9.81
CA GLY C 480 -22.32 -11.57 9.44
C GLY C 480 -21.81 -12.94 9.85
N LEU C 481 -20.57 -13.24 9.48
CA LEU C 481 -19.97 -14.52 9.85
C LEU C 481 -19.85 -14.69 11.35
N ILE C 482 -19.51 -13.62 12.07
CA ILE C 482 -19.37 -13.71 13.52
C ILE C 482 -20.71 -14.05 14.15
N LEU C 483 -21.77 -13.39 13.71
CA LEU C 483 -23.08 -13.66 14.28
C LEU C 483 -23.56 -15.06 13.93
N LEU C 484 -23.32 -15.51 12.69
CA LEU C 484 -23.73 -16.87 12.33
C LEU C 484 -22.94 -17.90 13.12
N GLY C 485 -21.67 -17.62 13.41
CA GLY C 485 -20.90 -18.53 14.25
C GLY C 485 -21.40 -18.57 15.68
N LEU C 486 -21.68 -17.40 16.26
CA LEU C 486 -22.20 -17.36 17.63
C LEU C 486 -23.63 -17.88 17.73
N LEU C 487 -24.34 -17.97 16.60
CA LEU C 487 -25.68 -18.55 16.61
C LEU C 487 -25.63 -20.06 16.43
N LEU C 488 -24.69 -20.56 15.63
CA LEU C 488 -24.46 -22.00 15.54
C LEU C 488 -23.74 -22.54 16.76
N PHE C 489 -23.15 -21.66 17.57
CA PHE C 489 -22.56 -22.09 18.83
C PHE C 489 -23.58 -22.32 19.92
N LYS C 490 -24.82 -21.84 19.73
CA LYS C 490 -25.91 -22.18 20.64
C LYS C 490 -26.30 -23.65 20.52
N LEU C 491 -25.82 -24.34 19.49
CA LEU C 491 -26.10 -25.75 19.27
C LEU C 491 -24.99 -26.66 19.76
N TYR C 492 -24.21 -26.21 20.75
CA TYR C 492 -23.11 -27.00 21.29
C TYR C 492 -23.48 -27.47 22.69
N PRO C 493 -23.48 -28.78 22.95
CA PRO C 493 -24.18 -29.27 24.15
C PRO C 493 -23.48 -28.94 25.45
N ILE C 494 -22.16 -29.06 25.49
CA ILE C 494 -21.41 -28.84 26.73
C ILE C 494 -21.47 -27.36 27.08
N ASP C 495 -22.18 -27.03 28.16
CA ASP C 495 -22.50 -25.66 28.51
C ASP C 495 -22.00 -25.36 29.93
N GLU C 496 -20.72 -25.67 30.14
CA GLU C 496 -20.10 -25.76 31.46
C GLU C 496 -20.67 -26.95 32.23
N GLU C 497 -20.92 -28.05 31.52
CA GLU C 497 -21.14 -29.35 32.12
C GLU C 497 -19.88 -30.20 32.08
N LYS C 498 -18.74 -29.56 31.77
CA LYS C 498 -17.45 -30.25 31.69
C LYS C 498 -17.04 -30.92 32.98
N ARG C 499 -17.75 -30.66 34.09
CA ARG C 499 -17.41 -31.29 35.36
C ARG C 499 -17.50 -32.80 35.25
N ARG C 500 -18.53 -33.31 34.56
CA ARG C 500 -18.67 -34.75 34.38
C ARG C 500 -17.54 -35.32 33.55
N GLU C 501 -17.25 -34.70 32.39
CA GLU C 501 -16.16 -35.16 31.55
C GLU C 501 -14.83 -35.12 32.31
N ASN C 502 -14.70 -34.22 33.28
CA ASN C 502 -13.48 -34.18 34.07
C ASN C 502 -13.43 -35.28 35.11
N LYS C 503 -14.49 -35.46 35.91
CA LYS C 503 -14.42 -36.42 36.99
C LYS C 503 -14.33 -37.84 36.44
N LYS C 504 -15.05 -38.12 35.35
CA LYS C 504 -14.94 -39.44 34.74
C LYS C 504 -13.57 -39.62 34.08
N ALA C 505 -13.29 -38.82 33.06
CA ALA C 505 -11.99 -38.82 32.37
C ALA C 505 -11.60 -40.21 31.86
C01 ZGS D . -8.12 -7.81 13.00
C02 ZGS D . -7.23 -8.97 13.48
C03 ZGS D . -6.37 -9.45 12.34
C04 ZGS D . -5.67 -10.59 12.41
C05 ZGS D . -5.70 -11.51 13.66
C06 ZGS D . -6.26 -12.89 13.25
C07 ZGS D . -5.43 -13.96 13.04
C08 ZGS D . -3.90 -13.83 13.18
C09 ZGS D . -3.48 -14.12 14.63
C10 ZGS D . -3.24 -15.40 15.04
C11 ZGS D . -3.39 -16.60 14.07
C12 ZGS D . -2.74 -17.87 14.71
C13 ZGS D . -3.80 -18.95 15.05
C14 ZGS D . -3.15 -20.28 15.52
C15 ZGS D . -3.89 -20.89 16.75
C16 ZGS D . -4.35 -19.82 17.77
C17 ZGS D . -3.23 -19.46 18.77
C18 ZGS D . -3.76 -19.04 20.16
C21 ZGS D . -3.85 -19.58 22.46
C22 ZGS D . -2.58 -20.25 23.01
C23 ZGS D . -2.60 -20.22 24.56
C29 ZGS D . -1.24 -21.16 28.09
C30 ZGS D . -0.76 -21.57 29.50
C32 ZGS D . -3.01 -21.95 30.19
C33 ZGS D . -1.75 -23.75 29.30
C34 ZGS D . -1.23 -22.88 31.44
N31 ZGS D . -1.69 -22.54 30.10
O19 ZGS D . -3.95 -17.91 20.42
O20 ZGS D . -4.03 -20.04 21.13
O24 ZGS D . -1.26 -20.11 25.00
O26 ZGS D . 0.08 -18.10 26.00
O27 ZGS D . -2.23 -18.50 26.80
O28 ZGS D . -0.37 -20.14 27.58
O35 ZGS D . -1.47 -19.54 22.56
P25 ZGS D . -0.94 -19.17 26.35
C1 NAG E . 14.53 11.43 -15.11
C2 NAG E . 15.42 11.19 -16.33
C3 NAG E . 16.72 10.54 -15.87
C4 NAG E . 17.37 11.41 -14.82
C5 NAG E . 16.41 11.64 -13.66
C6 NAG E . 17.01 12.52 -12.59
C7 NAG E . 14.15 10.76 -18.36
C8 NAG E . 13.23 9.78 -19.02
N2 NAG E . 14.80 10.31 -17.30
O3 NAG E . 17.59 10.38 -16.99
O4 NAG E . 18.55 10.75 -14.33
O5 NAG E . 15.20 12.23 -14.14
O6 NAG E . 16.14 12.50 -11.45
O7 NAG E . 14.29 11.90 -18.78
C1 NAG F . -6.27 1.36 -19.52
C2 NAG F . -5.95 1.24 -21.00
C3 NAG F . -6.52 -0.09 -21.45
C4 NAG F . -5.93 -1.20 -20.61
C5 NAG F . -6.25 -0.96 -19.14
C6 NAG F . -5.62 -2.04 -18.26
C7 NAG F . -5.86 3.18 -22.50
C8 NAG F . -4.44 2.80 -22.82
N2 NAG F . -6.55 2.31 -21.77
O3 NAG F . -6.23 -0.31 -22.83
O4 NAG F . -6.49 -2.46 -21.02
O5 NAG F . -5.71 0.31 -18.75
O6 NAG F . -4.20 -1.89 -18.33
O7 NAG F . -6.36 4.22 -22.90
#